data_9LU9
#
_entry.id   9LU9
#
_cell.length_a   1.00
_cell.length_b   1.00
_cell.length_c   1.00
_cell.angle_alpha   90.00
_cell.angle_beta   90.00
_cell.angle_gamma   90.00
#
_symmetry.space_group_name_H-M   'P 1'
#
loop_
_entity.id
_entity.type
_entity.pdbx_description
1 polymer 'Flagellar motor protein MotA'
2 polymer 'MotB1,Motility protein B'
3 non-polymer 'Lauryl Maltose Neopentyl Glycol'
#
loop_
_entity_poly.entity_id
_entity_poly.type
_entity_poly.pdbx_seq_one_letter_code
_entity_poly.pdbx_strand_id
1 'polypeptide(L)'
;MDIATLIGLIAGAVAIIGGFLWEGGQITGLFQGTAALIVFGGTIAAVLISYPMHRIRTLPAGIKLAFKPNRSEVNEWLED
IVEMSMVARREGVLALEQKVLDHPNIFLREGIQLVVDGTDQPIVRQIMELDIDAKEQEHDNYAKLFESAGSYAPTMGIIG
TVMGLIQVLGHLTDPSQLGPSIAVAFIATLYGVASANLIFLPIASKIRAKSAEEILVMEMILEGVLSVQNGDNALLVRKK
LNTYITSQPTSLNPRKDVTHETAE
;
A,B,C,D,E
2 'polypeptide(L)'
;MRQRNRRTRNVKSAHSSGSPHDRWMITYADLITLLLIFFVMMYAMSRLDASKYEEVTSSLQTTFQSSSGILDGGNGVIDY
PSGQNGNSSSEANQPGSSGTGSDMGQEADGGPLTERESRLRKLRGDLDQLIESDPKLRALRPHLKIDLVQEGLRIQIIDS
QNRPMFRTGSADVEPYMRDILRAIAPVLNGIPNRISLSGHTDDFPYASGEKGYSNWELSADRANASRRELMVGGLDSGKV
LRVVGMAATMRLSDRGPDDAVNRRISLLVLNKQAEQAILHENAESQNEPVSALEKPEVAPQVSVPTMPSAEPRHHHHHH
;
F,G
#
# COMPACT_ATOMS: atom_id res chain seq x y z
N GLY A 29 -34.22 -5.32 17.41
CA GLY A 29 -32.97 -4.91 16.73
C GLY A 29 -33.19 -3.72 15.80
N LEU A 30 -33.83 -2.68 16.34
CA LEU A 30 -34.22 -1.51 15.53
C LEU A 30 -33.82 -0.23 16.27
N PHE A 31 -33.08 0.66 15.58
CA PHE A 31 -32.80 1.99 16.10
C PHE A 31 -32.26 1.90 17.53
N GLN A 32 -31.39 0.93 17.82
CA GLN A 32 -30.91 0.88 19.20
C GLN A 32 -30.42 2.28 19.53
N GLY A 33 -31.02 2.92 20.55
CA GLY A 33 -30.75 4.32 20.83
C GLY A 33 -29.26 4.59 21.04
N THR A 34 -28.65 3.78 21.92
CA THR A 34 -27.26 3.94 22.29
C THR A 34 -26.33 3.72 21.10
N ALA A 35 -26.67 2.78 20.21
CA ALA A 35 -25.84 2.48 19.05
C ALA A 35 -25.77 3.66 18.09
N ALA A 36 -26.93 4.28 17.84
CA ALA A 36 -26.99 5.43 16.95
C ALA A 36 -26.20 6.59 17.53
N LEU A 37 -26.36 6.83 18.84
CA LEU A 37 -25.69 7.95 19.47
C LEU A 37 -24.19 7.66 19.59
N ILE A 38 -23.72 6.43 19.33
CA ILE A 38 -22.29 6.16 19.40
C ILE A 38 -21.68 5.95 18.03
N VAL A 39 -22.44 5.44 17.05
CA VAL A 39 -21.89 5.34 15.70
C VAL A 39 -21.97 6.68 14.98
N PHE A 40 -23.16 7.30 14.97
CA PHE A 40 -23.32 8.55 14.26
C PHE A 40 -22.69 9.68 15.05
N GLY A 41 -22.86 9.72 16.37
CA GLY A 41 -22.23 10.75 17.16
C GLY A 41 -20.71 10.73 17.04
N GLY A 42 -20.12 9.55 17.09
CA GLY A 42 -18.68 9.42 16.99
C GLY A 42 -18.17 9.75 15.60
N THR A 43 -18.90 9.37 14.54
CA THR A 43 -18.51 9.71 13.18
C THR A 43 -18.51 11.23 12.98
N ILE A 44 -19.55 11.90 13.46
CA ILE A 44 -19.64 13.36 13.40
C ILE A 44 -18.49 13.98 14.18
N ALA A 45 -18.13 13.45 15.35
CA ALA A 45 -17.04 14.00 16.12
C ALA A 45 -15.72 13.86 15.36
N ALA A 46 -15.44 12.70 14.78
CA ALA A 46 -14.19 12.48 14.07
C ALA A 46 -14.08 13.37 12.83
N VAL A 47 -15.17 13.57 12.10
CA VAL A 47 -15.18 14.44 10.93
C VAL A 47 -15.00 15.90 11.34
N LEU A 48 -15.66 16.37 12.40
CA LEU A 48 -15.49 17.73 12.85
C LEU A 48 -14.06 17.99 13.34
N ILE A 49 -13.40 17.05 14.01
CA ILE A 49 -12.01 17.26 14.40
C ILE A 49 -11.11 17.27 13.17
N SER A 50 -11.46 16.47 12.14
CA SER A 50 -10.62 16.25 10.96
C SER A 50 -10.55 17.46 10.00
N TYR A 51 -11.62 18.27 9.91
CA TYR A 51 -11.73 19.31 8.89
C TYR A 51 -12.06 20.65 9.52
N PRO A 52 -11.53 21.74 8.94
CA PRO A 52 -11.85 23.08 9.41
C PRO A 52 -13.30 23.41 9.11
N MET A 53 -13.87 24.39 9.83
CA MET A 53 -15.31 24.61 9.74
C MET A 53 -15.75 25.09 8.35
N HIS A 54 -14.92 25.85 7.66
CA HIS A 54 -15.23 26.30 6.32
C HIS A 54 -15.46 25.15 5.32
N ARG A 55 -14.74 24.05 5.48
CA ARG A 55 -14.97 22.86 4.66
C ARG A 55 -16.27 22.19 5.05
N ILE A 56 -16.57 22.10 6.36
CA ILE A 56 -17.76 21.43 6.84
C ILE A 56 -19.04 22.13 6.36
N ARG A 57 -19.03 23.46 6.32
CA ARG A 57 -20.18 24.18 5.78
C ARG A 57 -20.45 23.88 4.29
N THR A 58 -19.50 23.39 3.50
CA THR A 58 -19.77 22.99 2.13
C THR A 58 -20.57 21.69 2.00
N LEU A 59 -20.84 20.94 3.07
CA LEU A 59 -21.59 19.69 2.95
C LEU A 59 -22.92 19.86 2.20
N PRO A 60 -23.77 20.88 2.49
CA PRO A 60 -24.96 21.15 1.69
C PRO A 60 -24.77 20.93 0.21
N ALA A 61 -23.81 21.62 -0.39
CA ALA A 61 -23.65 21.59 -1.85
C ALA A 61 -23.23 20.21 -2.36
N GLY A 62 -22.45 19.48 -1.53
CA GLY A 62 -22.02 18.14 -1.87
C GLY A 62 -23.18 17.20 -2.15
N ILE A 63 -24.17 17.25 -1.27
CA ILE A 63 -25.42 16.51 -1.46
C ILE A 63 -26.11 16.96 -2.74
N LYS A 64 -26.12 18.28 -3.03
CA LYS A 64 -26.84 18.76 -4.19
C LYS A 64 -26.29 18.13 -5.47
N LEU A 65 -24.96 18.07 -5.58
CA LEU A 65 -24.36 17.51 -6.77
C LEU A 65 -24.53 16.00 -6.81
N ALA A 66 -24.44 15.34 -5.67
CA ALA A 66 -24.58 13.89 -5.61
C ALA A 66 -25.98 13.44 -6.03
N PHE A 67 -27.00 14.25 -5.69
CA PHE A 67 -28.37 13.98 -6.12
C PHE A 67 -28.84 15.17 -6.94
N LYS A 68 -28.68 15.09 -8.27
CA LYS A 68 -29.10 16.15 -9.17
C LYS A 68 -29.44 15.53 -10.52
N PRO A 69 -30.25 16.21 -11.36
CA PRO A 69 -30.74 15.58 -12.60
C PRO A 69 -29.60 15.32 -13.57
N ASN A 70 -29.75 14.30 -14.42
CA ASN A 70 -28.76 13.97 -15.44
C ASN A 70 -28.17 15.24 -16.06
N ARG A 71 -29.01 16.18 -16.53
CA ARG A 71 -28.55 17.48 -16.98
C ARG A 71 -27.42 17.39 -17.99
N SER A 72 -27.56 16.49 -18.97
CA SER A 72 -26.61 16.35 -20.07
C SER A 72 -26.97 17.30 -21.21
N GLU A 73 -27.85 18.26 -20.96
CA GLU A 73 -28.46 19.06 -22.02
C GLU A 73 -27.35 19.80 -22.76
N VAL A 74 -26.37 20.34 -22.04
CA VAL A 74 -25.29 21.09 -22.67
C VAL A 74 -24.59 20.21 -23.70
N ASN A 75 -24.37 18.95 -23.37
CA ASN A 75 -23.75 18.00 -24.28
C ASN A 75 -24.58 17.90 -25.57
N GLU A 76 -25.91 17.97 -25.45
CA GLU A 76 -26.80 18.01 -26.60
C GLU A 76 -27.05 19.43 -27.09
N TRP A 77 -26.85 20.48 -26.25
CA TRP A 77 -26.98 21.83 -26.77
C TRP A 77 -25.63 22.29 -27.30
N LEU A 78 -24.66 21.38 -27.50
CA LEU A 78 -23.42 21.71 -28.16
C LEU A 78 -23.71 22.46 -29.45
N GLU A 79 -24.82 22.09 -30.11
CA GLU A 79 -25.28 22.78 -31.30
C GLU A 79 -25.49 24.27 -31.04
N ASP A 80 -25.95 24.64 -29.84
CA ASP A 80 -26.00 26.04 -29.46
C ASP A 80 -24.61 26.68 -29.55
N ILE A 81 -23.58 26.03 -29.01
CA ILE A 81 -22.22 26.55 -29.09
C ILE A 81 -21.78 26.58 -30.56
N VAL A 82 -22.04 25.49 -31.28
CA VAL A 82 -21.59 25.39 -32.66
C VAL A 82 -22.31 26.42 -33.51
N GLU A 83 -23.58 26.74 -33.22
CA GLU A 83 -24.23 27.87 -33.87
C GLU A 83 -23.34 29.12 -33.75
N MET A 84 -22.68 29.28 -32.60
CA MET A 84 -21.87 30.45 -32.36
C MET A 84 -20.65 30.46 -33.28
N SER A 85 -20.07 29.29 -33.55
CA SER A 85 -18.80 29.19 -34.25
C SER A 85 -18.84 29.91 -35.61
N MET A 86 -19.83 29.60 -36.45
CA MET A 86 -19.95 30.28 -37.74
C MET A 86 -20.41 31.73 -37.52
N VAL A 87 -21.43 31.92 -36.67
CA VAL A 87 -22.07 33.22 -36.51
C VAL A 87 -21.08 34.22 -35.91
N ALA A 88 -20.29 33.80 -34.92
CA ALA A 88 -19.36 34.71 -34.27
C ALA A 88 -18.33 35.26 -35.26
N ARG A 89 -17.84 34.41 -36.19
CA ARG A 89 -16.83 34.83 -37.14
C ARG A 89 -17.47 35.39 -38.41
N ARG A 90 -18.77 35.14 -38.65
CA ARG A 90 -19.44 35.60 -39.85
C ARG A 90 -19.51 37.12 -39.88
N GLU A 91 -19.70 37.73 -38.70
CA GLU A 91 -19.76 39.18 -38.54
C GLU A 91 -19.10 39.53 -37.22
N GLY A 92 -18.96 40.82 -36.87
CA GLY A 92 -18.21 41.23 -35.69
C GLY A 92 -18.76 40.64 -34.40
N VAL A 93 -17.86 40.23 -33.48
CA VAL A 93 -18.25 39.68 -32.19
C VAL A 93 -18.54 40.85 -31.25
N LEU A 94 -18.51 42.09 -31.75
CA LEU A 94 -18.78 43.26 -30.92
C LEU A 94 -20.17 43.16 -30.27
N ALA A 95 -21.13 42.56 -30.97
CA ALA A 95 -22.45 42.28 -30.40
C ALA A 95 -22.45 40.97 -29.61
N LEU A 96 -21.35 40.20 -29.67
CA LEU A 96 -21.30 38.88 -29.06
C LEU A 96 -21.51 38.97 -27.55
N GLU A 97 -20.91 39.98 -26.90
CA GLU A 97 -20.94 40.08 -25.45
C GLU A 97 -22.39 40.19 -24.97
N GLN A 98 -23.19 41.07 -25.61
CA GLN A 98 -24.61 41.17 -25.30
C GLN A 98 -25.34 39.91 -25.74
N LYS A 99 -24.91 39.30 -26.86
CA LYS A 99 -25.52 38.11 -27.44
C LYS A 99 -25.43 36.91 -26.49
N VAL A 100 -24.27 36.76 -25.82
CA VAL A 100 -24.06 35.65 -24.89
C VAL A 100 -24.42 36.07 -23.46
N LEU A 101 -25.19 37.16 -23.31
CA LEU A 101 -25.68 37.54 -21.98
C LEU A 101 -26.38 36.33 -21.36
N ASP A 102 -27.20 35.63 -22.16
CA ASP A 102 -27.84 34.41 -21.72
C ASP A 102 -26.76 33.51 -21.16
N HIS A 103 -27.05 32.74 -20.10
CA HIS A 103 -26.04 31.90 -19.47
C HIS A 103 -26.17 30.46 -19.98
N PRO A 104 -25.49 30.09 -21.09
CA PRO A 104 -25.32 28.68 -21.43
C PRO A 104 -24.58 28.12 -20.23
N ASN A 105 -23.59 28.88 -19.74
CA ASN A 105 -22.90 28.61 -18.48
C ASN A 105 -21.93 29.77 -18.28
N ILE A 106 -21.44 29.96 -17.04
CA ILE A 106 -20.58 31.11 -16.76
C ILE A 106 -19.25 30.95 -17.48
N PHE A 107 -18.59 29.80 -17.34
CA PHE A 107 -17.29 29.57 -17.99
C PHE A 107 -17.35 30.00 -19.45
N LEU A 108 -18.42 29.62 -20.16
CA LEU A 108 -18.61 30.02 -21.55
C LEU A 108 -18.73 31.54 -21.67
N ARG A 109 -19.61 32.15 -20.86
CA ARG A 109 -19.88 33.58 -20.95
C ARG A 109 -18.59 34.35 -20.64
N GLU A 110 -17.87 33.94 -19.60
CA GLU A 110 -16.63 34.62 -19.20
C GLU A 110 -15.55 34.46 -20.28
N GLY A 111 -15.45 33.26 -20.86
CA GLY A 111 -14.48 32.97 -21.90
C GLY A 111 -14.63 33.88 -23.11
N ILE A 112 -15.87 34.10 -23.55
CA ILE A 112 -16.11 34.99 -24.69
C ILE A 112 -15.61 36.40 -24.42
N GLN A 113 -15.82 36.91 -23.21
CA GLN A 113 -15.34 38.23 -22.84
C GLN A 113 -13.81 38.30 -22.98
N LEU A 114 -13.10 37.22 -22.63
CA LEU A 114 -11.66 37.16 -22.85
C LEU A 114 -11.33 36.97 -24.32
N VAL A 115 -12.03 36.06 -25.02
CA VAL A 115 -11.76 35.78 -26.42
C VAL A 115 -11.90 37.07 -27.23
N VAL A 116 -12.67 38.03 -26.69
CA VAL A 116 -12.79 39.36 -27.30
C VAL A 116 -11.40 39.99 -27.30
N ASP A 117 -11.16 40.99 -28.16
CA ASP A 117 -9.84 41.60 -28.31
C ASP A 117 -9.15 41.71 -26.94
N GLY A 118 -7.90 41.25 -26.85
CA GLY A 118 -7.08 41.48 -25.66
C GLY A 118 -6.34 40.24 -25.18
N THR A 119 -6.62 39.04 -25.73
CA THR A 119 -5.96 37.85 -25.21
C THR A 119 -5.12 37.18 -26.28
N ASP A 120 -3.84 36.90 -25.94
CA ASP A 120 -2.99 36.03 -26.74
C ASP A 120 -3.51 34.59 -26.55
N GLN A 121 -3.15 33.70 -27.49
CA GLN A 121 -3.60 32.31 -27.42
C GLN A 121 -3.19 31.62 -26.09
N PRO A 122 -1.91 31.66 -25.66
CA PRO A 122 -1.50 30.92 -24.47
C PRO A 122 -2.16 31.42 -23.19
N ILE A 123 -2.27 32.75 -23.05
CA ILE A 123 -2.82 33.35 -21.85
C ILE A 123 -4.32 33.04 -21.72
N VAL A 124 -5.08 33.14 -22.82
CA VAL A 124 -6.52 32.89 -22.73
C VAL A 124 -6.77 31.43 -22.39
N ARG A 125 -6.01 30.50 -23.00
CA ARG A 125 -6.09 29.10 -22.57
C ARG A 125 -5.71 28.97 -21.09
N GLN A 126 -4.62 29.63 -20.67
CA GLN A 126 -4.13 29.50 -19.31
C GLN A 126 -5.17 29.99 -18.31
N ILE A 127 -5.76 31.17 -18.51
CA ILE A 127 -6.72 31.67 -17.53
C ILE A 127 -7.96 30.76 -17.47
N MET A 128 -8.47 30.37 -18.64
CA MET A 128 -9.61 29.46 -18.69
C MET A 128 -9.23 28.07 -18.19
N GLU A 129 -8.04 27.58 -18.54
CA GLU A 129 -7.60 26.28 -18.05
C GLU A 129 -7.52 26.27 -16.52
N LEU A 130 -7.06 27.37 -15.90
CA LEU A 130 -6.98 27.44 -14.45
C LEU A 130 -8.35 27.30 -13.80
N ASP A 131 -9.37 27.94 -14.39
CA ASP A 131 -10.73 27.75 -13.86
C ASP A 131 -11.12 26.28 -13.80
N ILE A 132 -10.75 25.50 -14.82
CA ILE A 132 -11.06 24.07 -14.84
C ILE A 132 -10.40 23.37 -13.67
N ASP A 133 -9.12 23.64 -13.40
CA ASP A 133 -8.42 22.99 -12.30
C ASP A 133 -9.04 23.37 -10.95
N ALA A 134 -9.46 24.62 -10.81
CA ALA A 134 -10.10 25.08 -9.59
C ALA A 134 -11.42 24.36 -9.34
N LYS A 135 -12.21 24.12 -10.39
CA LYS A 135 -13.47 23.40 -10.22
C LYS A 135 -13.22 21.92 -9.96
N GLU A 136 -12.20 21.31 -10.55
CA GLU A 136 -11.89 19.91 -10.27
C GLU A 136 -11.52 19.73 -8.79
N GLN A 137 -10.72 20.65 -8.26
CA GLN A 137 -10.30 20.62 -6.86
C GLN A 137 -11.48 20.82 -5.92
N GLU A 138 -12.42 21.70 -6.28
CA GLU A 138 -13.60 21.98 -5.48
C GLU A 138 -14.45 20.73 -5.31
N HIS A 139 -14.72 20.01 -6.41
CA HIS A 139 -15.54 18.82 -6.37
C HIS A 139 -14.84 17.68 -5.63
N ASP A 140 -13.54 17.55 -5.80
CA ASP A 140 -12.80 16.51 -5.08
C ASP A 140 -12.88 16.74 -3.57
N ASN A 141 -12.81 17.99 -3.12
CA ASN A 141 -12.90 18.33 -1.72
C ASN A 141 -14.25 17.91 -1.10
N TYR A 142 -15.36 18.02 -1.85
CA TYR A 142 -16.65 17.55 -1.36
C TYR A 142 -16.64 16.04 -1.16
N ALA A 143 -16.16 15.33 -2.17
CA ALA A 143 -16.14 13.89 -2.10
C ALA A 143 -15.29 13.39 -0.92
N LYS A 144 -14.15 14.02 -0.66
CA LYS A 144 -13.26 13.61 0.41
C LYS A 144 -13.91 13.65 1.80
N LEU A 145 -14.86 14.55 2.06
CA LEU A 145 -15.57 14.50 3.32
C LEU A 145 -16.33 13.20 3.46
N PHE A 146 -17.04 12.75 2.43
CA PHE A 146 -17.81 11.53 2.52
C PHE A 146 -16.90 10.31 2.56
N GLU A 147 -15.79 10.30 1.83
CA GLU A 147 -14.89 9.17 1.87
C GLU A 147 -14.31 8.97 3.27
N SER A 148 -13.92 10.09 3.92
CA SER A 148 -13.34 10.03 5.26
C SER A 148 -14.37 9.61 6.32
N ALA A 149 -15.60 10.10 6.22
CA ALA A 149 -16.70 9.65 7.08
C ALA A 149 -16.95 8.16 6.96
N GLY A 150 -16.90 7.62 5.74
CA GLY A 150 -17.03 6.20 5.54
C GLY A 150 -15.79 5.41 6.00
N SER A 151 -14.74 6.11 6.42
CA SER A 151 -13.55 5.45 6.94
C SER A 151 -13.53 5.42 8.46
N TYR A 152 -14.22 6.35 9.12
CA TYR A 152 -14.26 6.44 10.57
C TYR A 152 -15.44 5.63 11.09
N ALA A 153 -16.54 5.60 10.32
CA ALA A 153 -17.77 5.02 10.81
C ALA A 153 -17.60 3.54 11.16
N PRO A 154 -16.99 2.68 10.31
CA PRO A 154 -16.89 1.27 10.66
C PRO A 154 -16.11 1.02 11.96
N THR A 155 -15.05 1.78 12.22
CA THR A 155 -14.27 1.64 13.43
C THR A 155 -15.09 2.05 14.65
N MET A 156 -15.89 3.12 14.52
CA MET A 156 -16.71 3.55 15.65
C MET A 156 -17.72 2.48 16.02
N GLY A 157 -18.29 1.79 15.02
CA GLY A 157 -19.09 0.59 15.29
C GLY A 157 -18.44 -0.37 16.32
N ILE A 158 -17.13 -0.59 16.16
CA ILE A 158 -16.37 -1.41 17.07
C ILE A 158 -16.37 -0.80 18.47
N ILE A 159 -16.21 0.52 18.61
CA ILE A 159 -16.23 1.13 19.93
C ILE A 159 -17.57 0.87 20.62
N GLY A 160 -18.66 1.02 19.85
CA GLY A 160 -19.99 0.73 20.38
C GLY A 160 -20.12 -0.70 20.91
N THR A 161 -19.62 -1.67 20.15
CA THR A 161 -19.73 -3.08 20.52
C THR A 161 -18.94 -3.37 21.80
N VAL A 162 -17.74 -2.85 21.91
CA VAL A 162 -16.92 -3.08 23.08
C VAL A 162 -17.60 -2.49 24.31
N MET A 163 -18.24 -1.32 24.20
CA MET A 163 -18.95 -0.77 25.34
C MET A 163 -20.15 -1.61 25.72
N GLY A 164 -20.84 -2.19 24.73
CA GLY A 164 -21.90 -3.16 24.98
C GLY A 164 -21.44 -4.40 25.78
N LEU A 165 -20.29 -4.95 25.37
CA LEU A 165 -19.74 -6.12 26.05
C LEU A 165 -19.29 -5.76 27.48
N ILE A 166 -18.78 -4.55 27.71
CA ILE A 166 -18.39 -4.12 29.05
C ILE A 166 -19.63 -4.04 29.94
N GLN A 167 -20.73 -3.53 29.44
CA GLN A 167 -21.96 -3.45 30.21
C GLN A 167 -22.47 -4.85 30.57
N VAL A 168 -22.37 -5.84 29.67
CA VAL A 168 -22.71 -7.23 29.98
C VAL A 168 -21.80 -7.84 31.07
N LEU A 169 -20.51 -7.52 31.09
CA LEU A 169 -19.59 -7.92 32.14
C LEU A 169 -20.08 -7.46 33.52
N GLY A 170 -20.88 -6.40 33.56
CA GLY A 170 -21.45 -5.95 34.83
C GLY A 170 -22.57 -6.85 35.33
N HIS A 171 -23.65 -6.94 34.56
CA HIS A 171 -24.84 -7.70 34.92
C HIS A 171 -24.73 -9.16 34.45
N LEU A 172 -24.01 -9.97 35.24
CA LEU A 172 -23.74 -11.36 34.90
C LEU A 172 -24.54 -12.32 35.78
N THR A 173 -25.56 -11.81 36.50
CA THR A 173 -26.23 -12.62 37.52
C THR A 173 -27.08 -13.71 36.85
N ASP A 174 -27.82 -13.35 35.80
CA ASP A 174 -28.80 -14.26 35.20
C ASP A 174 -28.15 -15.13 34.14
N PRO A 175 -28.72 -16.32 33.80
CA PRO A 175 -28.14 -17.24 32.83
C PRO A 175 -28.83 -17.35 31.48
N SER A 176 -29.89 -16.56 31.23
CA SER A 176 -30.57 -16.57 29.94
C SER A 176 -30.11 -15.37 29.11
N GLN A 177 -30.05 -14.18 29.74
CA GLN A 177 -29.57 -12.96 29.09
C GLN A 177 -28.19 -13.16 28.45
N LEU A 178 -27.40 -14.12 28.94
CA LEU A 178 -26.10 -14.37 28.35
C LEU A 178 -26.20 -14.60 26.83
N GLY A 179 -27.39 -14.98 26.35
CA GLY A 179 -27.63 -15.03 24.91
C GLY A 179 -27.94 -13.67 24.30
N PRO A 180 -29.16 -13.14 24.50
CA PRO A 180 -29.62 -11.92 23.85
C PRO A 180 -28.74 -10.70 24.08
N SER A 181 -28.12 -10.56 25.25
CA SER A 181 -27.32 -9.40 25.58
C SER A 181 -26.09 -9.28 24.67
N ILE A 182 -25.45 -10.39 24.35
CA ILE A 182 -24.33 -10.34 23.41
C ILE A 182 -24.84 -9.95 22.02
N ALA A 183 -26.00 -10.47 21.62
CA ALA A 183 -26.52 -10.19 20.28
C ALA A 183 -26.77 -8.68 20.08
N VAL A 184 -27.36 -8.01 21.09
CA VAL A 184 -27.66 -6.61 20.93
C VAL A 184 -26.38 -5.79 20.86
N ALA A 185 -25.33 -6.19 21.58
CA ALA A 185 -24.05 -5.49 21.50
C ALA A 185 -23.52 -5.44 20.06
N PHE A 186 -23.64 -6.55 19.34
CA PHE A 186 -23.23 -6.63 17.96
C PHE A 186 -24.05 -5.75 17.02
N ILE A 187 -25.29 -5.38 17.36
CA ILE A 187 -26.05 -4.42 16.56
C ILE A 187 -25.29 -3.10 16.39
N ALA A 188 -24.49 -2.70 17.40
CA ALA A 188 -23.71 -1.49 17.22
C ALA A 188 -22.68 -1.63 16.10
N THR A 189 -22.03 -2.81 15.97
CA THR A 189 -21.10 -3.03 14.86
C THR A 189 -21.84 -2.95 13.52
N LEU A 190 -23.03 -3.54 13.44
CA LEU A 190 -23.73 -3.56 12.16
C LEU A 190 -24.09 -2.14 11.71
N TYR A 191 -24.58 -1.29 12.62
CA TYR A 191 -24.96 0.07 12.27
C TYR A 191 -23.79 0.85 11.66
N GLY A 192 -22.58 0.50 12.09
CA GLY A 192 -21.42 1.07 11.47
C GLY A 192 -21.19 0.56 10.06
N VAL A 193 -20.83 -0.72 9.95
CA VAL A 193 -20.52 -1.30 8.66
C VAL A 193 -21.58 -0.93 7.62
N ALA A 194 -22.85 -0.97 8.03
CA ALA A 194 -23.95 -0.75 7.12
C ALA A 194 -24.02 0.71 6.70
N SER A 195 -23.84 1.65 7.64
CA SER A 195 -23.91 3.07 7.32
C SER A 195 -22.79 3.47 6.38
N ALA A 196 -21.58 2.98 6.67
CA ALA A 196 -20.42 3.31 5.87
C ALA A 196 -20.63 2.85 4.45
N ASN A 197 -21.00 1.58 4.24
CA ASN A 197 -21.02 1.02 2.90
C ASN A 197 -22.19 1.55 2.09
N LEU A 198 -23.41 1.58 2.62
CA LEU A 198 -24.55 2.05 1.84
C LEU A 198 -24.62 3.58 1.73
N ILE A 199 -24.57 4.33 2.83
CA ILE A 199 -24.79 5.77 2.76
C ILE A 199 -23.56 6.53 2.29
N PHE A 200 -22.42 6.30 2.98
CA PHE A 200 -21.29 7.20 2.80
C PHE A 200 -20.55 6.90 1.51
N LEU A 201 -20.25 5.64 1.18
CA LEU A 201 -19.39 5.47 0.03
C LEU A 201 -20.16 5.72 -1.27
N PRO A 202 -21.42 5.28 -1.45
CA PRO A 202 -22.21 5.75 -2.58
C PRO A 202 -22.36 7.26 -2.76
N ILE A 203 -22.53 8.05 -1.69
CA ILE A 203 -22.60 9.48 -1.89
C ILE A 203 -21.25 10.02 -2.38
N ALA A 204 -20.14 9.51 -1.86
CA ALA A 204 -18.82 9.89 -2.37
C ALA A 204 -18.68 9.57 -3.85
N SER A 205 -19.00 8.33 -4.23
CA SER A 205 -18.85 7.84 -5.59
C SER A 205 -19.69 8.64 -6.59
N LYS A 206 -20.92 8.97 -6.19
CA LYS A 206 -21.81 9.70 -7.08
C LYS A 206 -21.42 11.17 -7.21
N ILE A 207 -20.82 11.77 -6.17
CA ILE A 207 -20.25 13.10 -6.30
C ILE A 207 -19.09 13.06 -7.30
N ARG A 208 -18.15 12.12 -7.15
CA ARG A 208 -16.95 12.18 -7.96
C ARG A 208 -17.23 11.83 -9.43
N ALA A 209 -18.09 10.87 -9.68
CA ALA A 209 -18.49 10.51 -11.03
C ALA A 209 -19.16 11.66 -11.77
N LYS A 210 -20.09 12.37 -11.12
CA LYS A 210 -20.75 13.48 -11.79
C LYS A 210 -19.85 14.71 -11.91
N SER A 211 -18.88 14.88 -11.00
CA SER A 211 -17.83 15.88 -11.21
C SER A 211 -17.06 15.63 -12.51
N ALA A 212 -16.67 14.38 -12.80
CA ALA A 212 -15.91 14.07 -14.01
C ALA A 212 -16.72 14.38 -15.27
N GLU A 213 -18.03 14.13 -15.26
CA GLU A 213 -18.91 14.47 -16.36
C GLU A 213 -18.94 15.99 -16.57
N GLU A 214 -19.07 16.76 -15.48
CA GLU A 214 -19.15 18.22 -15.57
C GLU A 214 -17.84 18.85 -16.03
N ILE A 215 -16.69 18.29 -15.62
CA ILE A 215 -15.39 18.69 -16.13
C ILE A 215 -15.31 18.48 -17.65
N LEU A 216 -15.86 17.38 -18.18
CA LEU A 216 -15.82 17.20 -19.63
C LEU A 216 -16.59 18.31 -20.34
N VAL A 217 -17.73 18.71 -19.80
CA VAL A 217 -18.50 19.81 -20.38
C VAL A 217 -17.67 21.09 -20.36
N MET A 218 -16.85 21.30 -19.32
CA MET A 218 -15.89 22.39 -19.34
C MET A 218 -14.95 22.28 -20.53
N GLU A 219 -14.33 21.10 -20.71
CA GLU A 219 -13.38 20.91 -21.81
C GLU A 219 -14.03 21.20 -23.17
N MET A 220 -15.33 20.91 -23.30
CA MET A 220 -16.09 21.25 -24.48
C MET A 220 -16.13 22.76 -24.68
N ILE A 221 -16.37 23.53 -23.61
CA ILE A 221 -16.46 24.98 -23.72
C ILE A 221 -15.10 25.53 -24.09
N LEU A 222 -14.03 24.97 -23.52
CA LEU A 222 -12.66 25.39 -23.82
C LEU A 222 -12.34 25.21 -25.30
N GLU A 223 -12.65 24.05 -25.88
CA GLU A 223 -12.40 23.83 -27.30
C GLU A 223 -13.24 24.74 -28.19
N GLY A 224 -14.45 25.09 -27.75
CA GLY A 224 -15.27 26.10 -28.41
C GLY A 224 -14.61 27.49 -28.45
N VAL A 225 -14.06 27.96 -27.32
CA VAL A 225 -13.42 29.27 -27.25
C VAL A 225 -12.12 29.28 -28.07
N LEU A 226 -11.31 28.22 -27.98
CA LEU A 226 -10.08 28.16 -28.77
C LEU A 226 -10.39 28.13 -30.27
N SER A 227 -11.42 27.37 -30.69
CA SER A 227 -11.77 27.30 -32.10
C SER A 227 -12.40 28.61 -32.58
N VAL A 228 -13.09 29.38 -31.73
CA VAL A 228 -13.55 30.73 -32.05
C VAL A 228 -12.40 31.67 -32.42
N GLN A 229 -11.23 31.55 -31.76
CA GLN A 229 -10.07 32.32 -32.18
C GLN A 229 -9.52 31.79 -33.52
N ASN A 230 -9.49 30.47 -33.68
CA ASN A 230 -8.72 29.79 -34.72
C ASN A 230 -9.29 30.03 -36.12
N GLY A 231 -10.62 30.16 -36.27
CA GLY A 231 -11.21 30.21 -37.61
C GLY A 231 -12.73 30.40 -37.64
N ASP A 232 -13.37 30.06 -38.77
CA ASP A 232 -14.81 30.21 -38.94
C ASP A 232 -15.39 29.08 -39.77
N ASN A 233 -15.05 27.83 -39.44
CA ASN A 233 -15.56 26.66 -40.16
C ASN A 233 -16.54 25.93 -39.25
N ALA A 234 -17.85 26.04 -39.54
CA ALA A 234 -18.88 25.49 -38.66
C ALA A 234 -18.72 23.97 -38.54
N LEU A 235 -18.49 23.31 -39.68
CA LEU A 235 -18.28 21.86 -39.71
C LEU A 235 -16.98 21.49 -39.00
N LEU A 236 -15.95 22.33 -39.12
CA LEU A 236 -14.66 22.08 -38.48
C LEU A 236 -14.78 22.23 -36.97
N VAL A 237 -15.55 23.22 -36.49
CA VAL A 237 -15.90 23.28 -35.06
C VAL A 237 -16.62 21.98 -34.66
N ARG A 238 -17.53 21.51 -35.52
CA ARG A 238 -18.22 20.25 -35.30
C ARG A 238 -17.23 19.11 -35.08
N LYS A 239 -16.18 19.02 -35.89
CA LYS A 239 -15.22 17.93 -35.84
C LYS A 239 -14.48 17.95 -34.50
N LYS A 240 -13.98 19.12 -34.07
CA LYS A 240 -13.23 19.22 -32.84
C LYS A 240 -14.13 18.93 -31.63
N LEU A 241 -15.30 19.58 -31.60
CA LEU A 241 -16.24 19.43 -30.50
C LEU A 241 -16.70 17.98 -30.38
N ASN A 242 -16.93 17.32 -31.52
CA ASN A 242 -17.38 15.94 -31.53
C ASN A 242 -16.39 15.03 -30.81
N THR A 243 -15.08 15.32 -30.91
CA THR A 243 -14.08 14.45 -30.29
C THR A 243 -14.26 14.46 -28.76
N TYR A 244 -14.55 15.64 -28.21
CA TYR A 244 -14.74 15.78 -26.76
C TYR A 244 -16.06 15.12 -26.31
N ILE A 245 -17.14 15.27 -27.09
CA ILE A 245 -18.36 14.51 -26.84
C ILE A 245 -18.02 13.03 -27.11
N THR A 246 -18.58 12.13 -26.31
CA THR A 246 -18.23 10.72 -26.37
C THR A 246 -19.48 9.86 -26.09
N MET B 1 -7.43 26.40 19.91
CA MET B 1 -8.44 25.37 19.55
C MET B 1 -9.41 25.98 18.54
N ASP B 2 -9.47 25.42 17.32
CA ASP B 2 -10.43 25.86 16.31
C ASP B 2 -11.83 25.40 16.72
N ILE B 3 -12.85 26.13 16.24
CA ILE B 3 -14.24 25.89 16.57
C ILE B 3 -14.70 24.48 16.18
N ALA B 4 -14.23 23.96 15.04
CA ALA B 4 -14.59 22.65 14.59
C ALA B 4 -14.03 21.58 15.54
N THR B 5 -12.81 21.76 16.05
CA THR B 5 -12.24 20.78 16.93
C THR B 5 -12.92 20.82 18.29
N LEU B 6 -13.29 22.01 18.77
CA LEU B 6 -13.97 22.10 20.06
C LEU B 6 -15.34 21.43 20.03
N ILE B 7 -16.14 21.69 18.98
CA ILE B 7 -17.42 21.03 18.81
C ILE B 7 -17.26 19.53 18.56
N GLY B 8 -16.23 19.13 17.83
CA GLY B 8 -15.96 17.72 17.58
C GLY B 8 -15.62 16.96 18.85
N LEU B 9 -14.82 17.54 19.75
CA LEU B 9 -14.50 16.90 21.02
C LEU B 9 -15.71 16.81 21.93
N ILE B 10 -16.56 17.85 21.95
CA ILE B 10 -17.78 17.81 22.72
C ILE B 10 -18.72 16.71 22.20
N ALA B 11 -18.88 16.59 20.89
CA ALA B 11 -19.69 15.55 20.30
C ALA B 11 -19.12 14.16 20.60
N GLY B 12 -17.79 14.02 20.59
CA GLY B 12 -17.14 12.74 20.84
C GLY B 12 -17.39 12.23 22.26
N ALA B 13 -17.14 13.13 23.23
CA ALA B 13 -17.36 12.81 24.63
C ALA B 13 -18.83 12.51 24.91
N VAL B 14 -19.75 13.33 24.40
CA VAL B 14 -21.18 13.12 24.60
C VAL B 14 -21.66 11.81 23.97
N ALA B 15 -21.14 11.42 22.81
CA ALA B 15 -21.56 10.19 22.17
C ALA B 15 -21.15 8.99 23.01
N ILE B 16 -19.85 8.90 23.34
CA ILE B 16 -19.30 7.71 23.97
C ILE B 16 -19.73 7.61 25.44
N ILE B 17 -19.53 8.67 26.20
CA ILE B 17 -19.85 8.66 27.62
C ILE B 17 -21.38 8.70 27.80
N GLY B 18 -22.08 9.51 27.02
CA GLY B 18 -23.53 9.55 27.10
C GLY B 18 -24.18 8.23 26.73
N GLY B 19 -23.65 7.52 25.75
CA GLY B 19 -24.15 6.19 25.42
C GLY B 19 -24.03 5.22 26.59
N PHE B 20 -22.85 5.19 27.23
CA PHE B 20 -22.59 4.31 28.35
C PHE B 20 -23.47 4.63 29.57
N LEU B 21 -23.59 5.90 29.94
CA LEU B 21 -24.37 6.31 31.10
C LEU B 21 -25.87 6.08 30.86
N TRP B 22 -26.32 6.21 29.60
CA TRP B 22 -27.73 6.09 29.30
C TRP B 22 -28.20 4.64 29.44
N GLU B 23 -27.41 3.69 28.91
CA GLU B 23 -27.78 2.28 29.00
C GLU B 23 -27.53 1.73 30.41
N GLY B 24 -26.92 2.54 31.28
CA GLY B 24 -26.61 2.18 32.65
C GLY B 24 -25.10 1.93 32.78
N GLY B 25 -24.42 2.70 33.63
CA GLY B 25 -23.00 2.49 33.88
C GLY B 25 -22.43 3.48 34.88
N GLN B 26 -21.16 3.27 35.27
CA GLN B 26 -20.44 4.28 36.04
C GLN B 26 -19.12 4.64 35.37
N ILE B 27 -18.84 5.95 35.28
CA ILE B 27 -17.73 6.46 34.49
C ILE B 27 -16.40 6.02 35.10
N THR B 28 -16.36 5.73 36.41
CA THR B 28 -15.16 5.22 37.08
C THR B 28 -14.70 3.86 36.52
N GLY B 29 -15.60 3.15 35.82
CA GLY B 29 -15.26 1.90 35.16
C GLY B 29 -14.31 2.03 33.96
N LEU B 30 -14.35 3.16 33.24
CA LEU B 30 -13.65 3.25 31.97
C LEU B 30 -12.21 3.75 32.16
N PHE B 31 -11.72 3.86 33.40
CA PHE B 31 -10.31 4.14 33.64
C PHE B 31 -9.63 2.90 34.19
N GLN B 32 -8.62 2.37 33.46
CA GLN B 32 -7.91 1.20 33.90
C GLN B 32 -6.41 1.45 33.81
N GLY B 33 -5.76 1.73 34.95
CA GLY B 33 -4.34 2.04 35.01
C GLY B 33 -3.46 1.18 34.09
N THR B 34 -3.67 -0.13 34.16
CA THR B 34 -2.83 -1.06 33.42
C THR B 34 -3.08 -0.95 31.92
N ALA B 35 -4.33 -0.75 31.52
CA ALA B 35 -4.69 -0.60 30.12
C ALA B 35 -4.08 0.68 29.53
N ALA B 36 -4.09 1.78 30.30
CA ALA B 36 -3.49 3.02 29.88
C ALA B 36 -2.00 2.84 29.72
N LEU B 37 -1.33 2.13 30.65
CA LEU B 37 0.10 1.95 30.58
C LEU B 37 0.50 1.07 29.40
N ILE B 38 -0.29 0.06 29.02
CA ILE B 38 0.05 -0.76 27.87
C ILE B 38 -0.16 0.01 26.58
N VAL B 39 -1.31 0.67 26.42
CA VAL B 39 -1.66 1.26 25.13
C VAL B 39 -0.89 2.55 24.87
N PHE B 40 -0.90 3.44 25.85
CA PHE B 40 -0.25 4.72 25.69
C PHE B 40 1.25 4.54 25.91
N GLY B 41 1.68 3.75 26.89
CA GLY B 41 3.10 3.52 27.05
C GLY B 41 3.75 2.89 25.82
N GLY B 42 3.05 1.90 25.24
CA GLY B 42 3.54 1.22 24.06
C GLY B 42 3.59 2.12 22.83
N THR B 43 2.56 2.96 22.66
CA THR B 43 2.53 3.89 21.54
C THR B 43 3.66 4.89 21.64
N ILE B 44 3.91 5.45 22.82
CA ILE B 44 5.01 6.36 23.08
C ILE B 44 6.34 5.68 22.75
N ALA B 45 6.51 4.43 23.16
CA ALA B 45 7.76 3.73 22.89
C ALA B 45 7.98 3.56 21.39
N ALA B 46 6.95 3.11 20.67
CA ALA B 46 7.09 2.84 19.26
C ALA B 46 7.39 4.10 18.45
N VAL B 47 6.76 5.22 18.82
CA VAL B 47 7.00 6.48 18.13
C VAL B 47 8.40 7.00 18.46
N LEU B 48 8.84 6.94 19.72
CA LEU B 48 10.17 7.41 20.04
C LEU B 48 11.27 6.59 19.36
N ILE B 49 11.11 5.26 19.23
CA ILE B 49 12.11 4.48 18.52
C ILE B 49 12.10 4.80 17.03
N SER B 50 10.91 5.11 16.47
CA SER B 50 10.74 5.31 15.04
C SER B 50 11.36 6.62 14.51
N TYR B 51 11.43 7.68 15.33
CA TYR B 51 11.81 9.00 14.85
C TYR B 51 12.99 9.56 15.64
N PRO B 52 13.89 10.31 14.97
CA PRO B 52 14.95 11.03 15.67
C PRO B 52 14.36 12.06 16.65
N MET B 53 15.15 12.47 17.66
CA MET B 53 14.59 13.32 18.70
C MET B 53 14.18 14.70 18.17
N HIS B 54 14.90 15.23 17.17
CA HIS B 54 14.56 16.55 16.66
C HIS B 54 13.14 16.63 16.06
N ARG B 55 12.66 15.52 15.46
CA ARG B 55 11.32 15.46 14.93
C ARG B 55 10.29 15.64 16.03
N ILE B 56 10.54 15.05 17.19
CA ILE B 56 9.58 15.10 18.27
C ILE B 56 9.41 16.52 18.83
N ARG B 57 10.48 17.33 18.86
CA ARG B 57 10.30 18.72 19.18
C ARG B 57 9.38 19.47 18.17
N THR B 58 9.35 19.04 16.89
CA THR B 58 8.42 19.65 15.94
C THR B 58 6.96 19.31 16.24
N LEU B 59 6.69 18.23 16.99
CA LEU B 59 5.32 17.82 17.26
C LEU B 59 4.47 18.95 17.84
N PRO B 60 4.94 19.71 18.86
CA PRO B 60 4.23 20.94 19.25
C PRO B 60 3.88 21.87 18.12
N ALA B 61 4.81 22.15 17.22
CA ALA B 61 4.55 23.07 16.11
C ALA B 61 3.51 22.50 15.14
N GLY B 62 3.43 21.17 15.03
CA GLY B 62 2.38 20.53 14.25
C GLY B 62 0.97 20.81 14.76
N ILE B 63 0.80 20.76 16.09
CA ILE B 63 -0.49 21.09 16.67
C ILE B 63 -0.82 22.56 16.48
N LYS B 64 0.15 23.45 16.56
CA LYS B 64 -0.07 24.86 16.31
C LYS B 64 -0.58 25.10 14.89
N LEU B 65 -0.11 24.37 13.90
CA LEU B 65 -0.63 24.48 12.54
C LEU B 65 -2.04 23.91 12.43
N ALA B 66 -2.33 22.82 13.13
CA ALA B 66 -3.64 22.21 13.07
C ALA B 66 -4.73 23.12 13.62
N PHE B 67 -4.46 23.87 14.70
CA PHE B 67 -5.50 24.59 15.41
C PHE B 67 -5.44 26.11 15.30
N LYS B 68 -4.62 26.70 14.42
CA LYS B 68 -4.61 28.14 14.29
C LYS B 68 -5.89 28.59 13.59
N PRO B 69 -6.55 29.67 14.06
CA PRO B 69 -7.72 30.23 13.39
C PRO B 69 -7.42 30.69 11.97
N ASN B 70 -8.47 30.78 11.14
CA ASN B 70 -8.32 31.16 9.76
C ASN B 70 -8.41 32.68 9.63
N ARG B 71 -7.37 33.40 10.07
CA ARG B 71 -7.30 34.84 9.81
C ARG B 71 -6.62 35.03 8.45
N SER B 72 -7.22 34.45 7.40
CA SER B 72 -6.65 34.47 6.07
C SER B 72 -6.50 35.92 5.59
N GLU B 73 -5.31 36.25 5.06
CA GLU B 73 -5.07 37.54 4.44
C GLU B 73 -4.89 37.37 2.94
N VAL B 74 -5.33 36.23 2.39
CA VAL B 74 -5.16 35.98 0.96
C VAL B 74 -5.82 37.11 0.17
N ASN B 75 -7.02 37.55 0.62
CA ASN B 75 -7.71 38.61 -0.08
C ASN B 75 -6.88 39.88 -0.05
N GLU B 76 -6.24 40.16 1.09
CA GLU B 76 -5.46 41.38 1.21
C GLU B 76 -4.41 41.40 0.09
N TRP B 77 -3.65 40.32 -0.06
CA TRP B 77 -2.54 40.30 -1.00
C TRP B 77 -3.03 40.30 -2.45
N LEU B 78 -4.15 39.61 -2.73
CA LEU B 78 -4.71 39.67 -4.06
C LEU B 78 -4.83 41.12 -4.51
N GLU B 79 -5.04 42.04 -3.56
CA GLU B 79 -4.96 43.46 -3.86
C GLU B 79 -3.50 43.90 -3.97
N ASP B 80 -2.65 43.46 -3.05
CA ASP B 80 -1.30 44.01 -2.98
C ASP B 80 -0.54 43.77 -4.28
N ILE B 81 -0.57 42.54 -4.80
CA ILE B 81 0.15 42.18 -6.01
C ILE B 81 -0.40 42.98 -7.19
N VAL B 82 -1.72 43.10 -7.28
CA VAL B 82 -2.35 43.83 -8.36
C VAL B 82 -1.90 45.29 -8.33
N GLU B 83 -1.87 45.90 -7.14
CA GLU B 83 -1.40 47.26 -7.01
C GLU B 83 0.01 47.36 -7.58
N MET B 84 0.91 46.57 -7.00
CA MET B 84 2.30 46.56 -7.39
C MET B 84 2.47 46.34 -8.91
N SER B 85 1.55 45.60 -9.51
CA SER B 85 1.49 45.43 -10.96
C SER B 85 1.24 46.77 -11.65
N MET B 86 0.34 47.61 -11.10
CA MET B 86 0.08 48.92 -11.66
C MET B 86 1.31 49.83 -11.49
N VAL B 87 1.93 49.82 -10.31
CA VAL B 87 3.08 50.65 -10.01
C VAL B 87 4.24 50.34 -10.96
N ALA B 88 4.51 49.06 -11.19
CA ALA B 88 5.49 48.64 -12.19
C ALA B 88 5.14 49.19 -13.57
N ARG B 89 3.85 49.41 -13.86
CA ARG B 89 3.42 49.90 -15.15
C ARG B 89 3.69 51.41 -15.30
N ARG B 90 3.20 52.20 -14.34
CA ARG B 90 3.26 53.66 -14.45
C ARG B 90 4.53 54.17 -13.79
N GLU B 91 5.45 53.27 -13.41
CA GLU B 91 6.74 53.61 -12.83
C GLU B 91 7.71 52.49 -13.13
N GLY B 92 9.02 52.71 -12.92
CA GLY B 92 10.01 51.68 -13.14
C GLY B 92 9.88 50.54 -12.12
N VAL B 93 10.33 49.35 -12.53
CA VAL B 93 10.40 48.18 -11.65
C VAL B 93 11.26 48.48 -10.43
N LEU B 94 12.21 49.40 -10.56
CA LEU B 94 12.98 49.91 -9.43
C LEU B 94 12.05 50.40 -8.31
N ALA B 95 10.90 50.99 -8.69
CA ALA B 95 9.93 51.48 -7.70
C ALA B 95 9.38 50.35 -6.84
N LEU B 96 9.21 49.14 -7.43
CA LEU B 96 8.71 47.99 -6.69
C LEU B 96 9.41 47.84 -5.34
N GLU B 97 10.69 48.24 -5.26
CA GLU B 97 11.46 48.04 -4.04
C GLU B 97 10.79 48.71 -2.85
N GLN B 98 10.37 49.97 -3.01
CA GLN B 98 9.82 50.75 -1.90
C GLN B 98 8.46 50.19 -1.48
N LYS B 99 7.66 49.73 -2.45
CA LYS B 99 6.33 49.18 -2.18
C LYS B 99 6.42 47.88 -1.38
N VAL B 100 7.44 47.05 -1.68
CA VAL B 100 7.62 45.80 -0.97
C VAL B 100 8.71 45.96 0.10
N LEU B 101 9.20 47.19 0.36
CA LEU B 101 10.34 47.38 1.25
C LEU B 101 10.14 46.61 2.55
N ASP B 102 8.92 46.71 3.11
CA ASP B 102 8.53 45.93 4.26
C ASP B 102 7.15 45.35 3.95
N HIS B 103 6.98 44.03 4.13
CA HIS B 103 5.69 43.38 3.98
C HIS B 103 5.64 42.23 4.96
N PRO B 104 4.47 41.90 5.53
CA PRO B 104 4.35 40.75 6.44
C PRO B 104 4.77 39.42 5.81
N ASN B 105 4.49 39.22 4.52
CA ASN B 105 4.82 37.99 3.83
C ASN B 105 6.26 38.08 3.30
N ILE B 106 7.16 37.26 3.86
CA ILE B 106 8.53 37.20 3.38
C ILE B 106 8.54 36.69 1.92
N PHE B 107 7.80 35.62 1.65
CA PHE B 107 7.78 35.04 0.31
C PHE B 107 7.59 36.11 -0.75
N LEU B 108 6.58 36.97 -0.53
CA LEU B 108 6.29 38.04 -1.47
C LEU B 108 7.43 39.06 -1.49
N ARG B 109 7.95 39.43 -0.31
CA ARG B 109 9.01 40.42 -0.22
C ARG B 109 10.24 39.97 -1.01
N GLU B 110 10.64 38.70 -0.90
CA GLU B 110 11.82 38.21 -1.58
C GLU B 110 11.55 38.09 -3.06
N GLY B 111 10.47 37.37 -3.42
CA GLY B 111 10.14 37.16 -4.83
C GLY B 111 10.31 38.45 -5.66
N ILE B 112 9.77 39.54 -5.12
CA ILE B 112 9.90 40.83 -5.76
C ILE B 112 11.36 41.29 -5.77
N GLN B 113 12.12 41.03 -4.70
CA GLN B 113 13.52 41.43 -4.67
C GLN B 113 14.31 40.77 -5.81
N LEU B 114 14.02 39.51 -6.13
CA LEU B 114 14.66 38.81 -7.24
C LEU B 114 14.28 39.42 -8.60
N VAL B 115 13.06 39.96 -8.74
CA VAL B 115 12.64 40.65 -9.96
C VAL B 115 13.30 42.03 -10.05
N VAL B 116 13.45 42.76 -8.92
CA VAL B 116 14.14 44.03 -8.87
C VAL B 116 15.60 43.89 -9.32
N ASP B 117 16.30 42.86 -8.81
CA ASP B 117 17.67 42.56 -9.20
C ASP B 117 17.79 42.26 -10.70
N GLY B 118 16.68 41.87 -11.34
CA GLY B 118 16.65 41.66 -12.79
C GLY B 118 16.90 40.20 -13.18
N THR B 119 16.69 39.25 -12.27
CA THR B 119 16.97 37.84 -12.56
C THR B 119 15.99 37.31 -13.61
N ASP B 120 16.46 36.30 -14.36
CA ASP B 120 15.71 35.72 -15.46
C ASP B 120 14.52 34.87 -14.96
N GLN B 121 13.53 34.71 -15.83
CA GLN B 121 12.27 34.10 -15.45
C GLN B 121 12.43 32.64 -14.98
N PRO B 122 13.13 31.73 -15.69
CA PRO B 122 13.23 30.34 -15.25
C PRO B 122 13.96 30.17 -13.93
N ILE B 123 14.96 31.01 -13.64
CA ILE B 123 15.67 30.94 -12.36
C ILE B 123 14.78 31.50 -11.24
N VAL B 124 14.05 32.59 -11.47
CA VAL B 124 13.17 33.11 -10.41
C VAL B 124 12.06 32.10 -10.09
N ARG B 125 11.49 31.47 -11.11
CA ARG B 125 10.58 30.36 -10.92
C ARG B 125 11.22 29.25 -10.08
N GLN B 126 12.46 28.84 -10.38
CA GLN B 126 13.06 27.71 -9.70
C GLN B 126 13.31 28.02 -8.23
N ILE B 127 13.79 29.23 -7.89
CA ILE B 127 14.07 29.54 -6.49
C ILE B 127 12.76 29.60 -5.69
N MET B 128 11.72 30.20 -6.25
CA MET B 128 10.41 30.29 -5.60
C MET B 128 9.79 28.90 -5.40
N GLU B 129 9.87 28.04 -6.41
CA GLU B 129 9.36 26.70 -6.31
C GLU B 129 10.14 25.90 -5.25
N LEU B 130 11.45 26.12 -5.08
CA LEU B 130 12.20 25.43 -4.03
C LEU B 130 11.70 25.79 -2.64
N ASP B 131 11.29 27.04 -2.43
CA ASP B 131 10.72 27.45 -1.15
C ASP B 131 9.35 26.81 -0.92
N ILE B 132 8.52 26.68 -1.97
CA ILE B 132 7.24 26.01 -1.85
C ILE B 132 7.46 24.54 -1.52
N ASP B 133 8.40 23.86 -2.20
CA ASP B 133 8.65 22.45 -1.92
C ASP B 133 9.15 22.24 -0.49
N ALA B 134 9.98 23.14 0.02
CA ALA B 134 10.44 23.04 1.39
C ALA B 134 9.31 23.19 2.39
N LYS B 135 8.34 24.06 2.15
CA LYS B 135 7.19 24.22 3.04
C LYS B 135 6.29 22.99 2.97
N GLU B 136 6.09 22.41 1.79
CA GLU B 136 5.26 21.23 1.68
C GLU B 136 5.89 20.05 2.41
N GLN B 137 7.22 19.90 2.33
CA GLN B 137 7.93 18.81 2.99
C GLN B 137 7.87 18.95 4.51
N GLU B 138 7.95 20.19 5.02
CA GLU B 138 7.87 20.41 6.46
C GLU B 138 6.51 19.98 7.02
N HIS B 139 5.43 20.37 6.35
CA HIS B 139 4.08 20.03 6.78
C HIS B 139 3.80 18.54 6.67
N ASP B 140 4.33 17.88 5.64
CA ASP B 140 4.18 16.44 5.54
C ASP B 140 4.85 15.74 6.74
N ASN B 141 6.00 16.24 7.17
CA ASN B 141 6.72 15.59 8.25
C ASN B 141 5.95 15.70 9.58
N TYR B 142 5.22 16.81 9.82
CA TYR B 142 4.36 16.93 11.00
C TYR B 142 3.24 15.90 10.96
N ALA B 143 2.56 15.82 9.83
CA ALA B 143 1.48 14.88 9.68
C ALA B 143 1.93 13.45 9.93
N LYS B 144 3.10 13.06 9.43
CA LYS B 144 3.59 11.70 9.56
C LYS B 144 3.73 11.25 11.02
N LEU B 145 4.07 12.14 11.96
CA LEU B 145 4.12 11.71 13.35
C LEU B 145 2.74 11.27 13.82
N PHE B 146 1.68 12.00 13.48
CA PHE B 146 0.35 11.68 13.93
C PHE B 146 -0.16 10.43 13.24
N GLU B 147 0.12 10.26 11.95
CA GLU B 147 -0.31 9.06 11.25
C GLU B 147 0.32 7.82 11.86
N SER B 148 1.62 7.89 12.20
CA SER B 148 2.39 6.79 12.75
C SER B 148 1.91 6.41 14.14
N ALA B 149 1.60 7.37 14.99
CA ALA B 149 1.00 7.07 16.30
C ALA B 149 -0.34 6.38 16.16
N GLY B 150 -1.15 6.78 15.17
CA GLY B 150 -2.41 6.13 14.87
C GLY B 150 -2.28 4.67 14.40
N SER B 151 -1.15 4.34 13.76
CA SER B 151 -0.89 2.98 13.32
C SER B 151 -0.51 2.06 14.49
N TYR B 152 0.37 2.53 15.38
CA TYR B 152 0.81 1.70 16.49
C TYR B 152 -0.30 1.53 17.53
N ALA B 153 -1.17 2.51 17.73
CA ALA B 153 -2.08 2.47 18.86
C ALA B 153 -3.02 1.28 18.83
N PRO B 154 -3.70 0.93 17.71
CA PRO B 154 -4.51 -0.30 17.70
C PRO B 154 -3.68 -1.56 17.90
N THR B 155 -2.44 -1.63 17.38
CA THR B 155 -1.64 -2.83 17.61
C THR B 155 -1.23 -2.97 19.07
N MET B 156 -1.04 -1.88 19.79
CA MET B 156 -0.82 -1.98 21.24
C MET B 156 -2.07 -2.50 21.94
N GLY B 157 -3.24 -2.15 21.44
CA GLY B 157 -4.47 -2.73 21.96
C GLY B 157 -4.47 -4.26 21.87
N ILE B 158 -4.07 -4.85 20.73
CA ILE B 158 -4.11 -6.30 20.60
C ILE B 158 -3.03 -6.96 21.48
N ILE B 159 -1.91 -6.31 21.73
CA ILE B 159 -0.97 -6.81 22.73
C ILE B 159 -1.61 -6.83 24.11
N GLY B 160 -2.30 -5.76 24.47
CA GLY B 160 -3.03 -5.74 25.75
C GLY B 160 -4.10 -6.84 25.84
N THR B 161 -4.82 -7.15 24.76
CA THR B 161 -5.81 -8.21 24.75
C THR B 161 -5.16 -9.58 24.96
N VAL B 162 -4.06 -9.87 24.31
CA VAL B 162 -3.35 -11.12 24.52
C VAL B 162 -2.89 -11.23 25.97
N MET B 163 -2.44 -10.14 26.59
CA MET B 163 -2.04 -10.16 27.98
C MET B 163 -3.26 -10.47 28.87
N GLY B 164 -4.44 -9.95 28.49
CA GLY B 164 -5.70 -10.25 29.17
C GLY B 164 -6.09 -11.71 29.08
N LEU B 165 -5.97 -12.31 27.91
CA LEU B 165 -6.27 -13.72 27.72
C LEU B 165 -5.32 -14.61 28.52
N ILE B 166 -4.04 -14.25 28.60
CA ILE B 166 -3.07 -15.00 29.36
C ILE B 166 -3.44 -14.97 30.85
N GLN B 167 -3.81 -13.80 31.36
CA GLN B 167 -4.07 -13.68 32.78
C GLN B 167 -5.36 -14.41 33.15
N VAL B 168 -6.39 -14.34 32.29
CA VAL B 168 -7.68 -14.96 32.62
C VAL B 168 -7.57 -16.50 32.58
N LEU B 169 -6.79 -17.06 31.66
CA LEU B 169 -6.55 -18.50 31.64
C LEU B 169 -5.76 -18.91 32.86
N GLY B 170 -4.90 -18.02 33.38
CA GLY B 170 -4.10 -18.37 34.54
C GLY B 170 -4.94 -18.66 35.79
N HIS B 171 -6.19 -18.16 35.82
CA HIS B 171 -7.01 -18.21 37.02
C HIS B 171 -8.12 -19.26 36.92
N LEU B 172 -8.02 -20.22 35.98
CA LEU B 172 -9.08 -21.20 35.79
C LEU B 172 -9.13 -22.16 36.98
N THR B 173 -7.97 -22.52 37.53
CA THR B 173 -7.88 -23.52 38.58
C THR B 173 -8.60 -23.04 39.86
N ASP B 174 -8.46 -21.74 40.15
CA ASP B 174 -9.19 -21.11 41.25
C ASP B 174 -9.91 -19.89 40.71
N PRO B 175 -11.17 -20.02 40.20
CA PRO B 175 -11.86 -18.90 39.56
C PRO B 175 -12.46 -17.88 40.53
N SER B 176 -11.62 -17.20 41.31
CA SER B 176 -12.13 -16.32 42.35
C SER B 176 -11.50 -14.93 42.32
N GLN B 177 -10.68 -14.59 41.32
CA GLN B 177 -9.92 -13.34 41.34
C GLN B 177 -9.81 -12.72 39.95
N LEU B 178 -10.88 -12.82 39.16
CA LEU B 178 -10.78 -12.43 37.75
C LEU B 178 -11.41 -11.06 37.47
N GLY B 179 -11.92 -10.36 38.50
CA GLY B 179 -12.63 -9.10 38.30
C GLY B 179 -11.80 -8.03 37.60
N PRO B 180 -10.64 -7.64 38.16
CA PRO B 180 -9.80 -6.61 37.52
C PRO B 180 -9.23 -7.06 36.17
N SER B 181 -8.76 -8.32 36.12
CA SER B 181 -8.06 -8.83 34.95
C SER B 181 -9.01 -8.89 33.75
N ILE B 182 -10.31 -9.19 33.97
CA ILE B 182 -11.25 -9.30 32.88
C ILE B 182 -11.34 -7.96 32.13
N ALA B 183 -11.31 -6.83 32.86
CA ALA B 183 -11.47 -5.53 32.24
C ALA B 183 -10.24 -5.15 31.43
N VAL B 184 -9.03 -5.30 32.02
CA VAL B 184 -7.81 -4.88 31.34
C VAL B 184 -7.81 -5.32 29.89
N ALA B 185 -8.50 -6.40 29.55
CA ALA B 185 -8.57 -6.80 28.16
C ALA B 185 -9.49 -5.85 27.40
N PHE B 186 -10.72 -5.64 27.88
CA PHE B 186 -11.72 -4.90 27.12
C PHE B 186 -11.33 -3.41 27.01
N ILE B 187 -10.85 -2.86 28.12
CA ILE B 187 -10.52 -1.44 28.14
C ILE B 187 -9.25 -1.17 27.34
N ALA B 188 -8.30 -2.09 27.27
CA ALA B 188 -7.16 -1.88 26.38
C ALA B 188 -7.58 -1.86 24.92
N THR B 189 -8.58 -2.65 24.50
CA THR B 189 -9.13 -2.52 23.16
C THR B 189 -9.72 -1.14 22.96
N LEU B 190 -10.50 -0.69 23.94
CA LEU B 190 -11.26 0.56 23.81
C LEU B 190 -10.32 1.74 23.64
N TYR B 191 -9.24 1.81 24.43
CA TYR B 191 -8.26 2.89 24.31
C TYR B 191 -7.55 2.84 22.96
N GLY B 192 -7.22 1.64 22.50
CA GLY B 192 -6.51 1.52 21.24
C GLY B 192 -7.33 2.07 20.09
N VAL B 193 -8.56 1.61 19.94
CA VAL B 193 -9.34 1.99 18.79
C VAL B 193 -9.82 3.42 18.92
N ALA B 194 -10.24 3.82 20.12
CA ALA B 194 -10.80 5.15 20.31
C ALA B 194 -9.74 6.24 20.14
N SER B 195 -8.53 6.04 20.70
CA SER B 195 -7.50 7.05 20.56
C SER B 195 -7.04 7.20 19.12
N ALA B 196 -6.86 6.08 18.43
CA ALA B 196 -6.43 6.12 17.05
C ALA B 196 -7.44 6.89 16.21
N ASN B 197 -8.74 6.53 16.26
CA ASN B 197 -9.72 7.07 15.33
C ASN B 197 -10.47 8.33 15.76
N LEU B 198 -10.22 8.89 16.94
CA LEU B 198 -10.83 10.13 17.35
C LEU B 198 -9.79 11.22 17.59
N ILE B 199 -8.59 10.83 18.06
CA ILE B 199 -7.52 11.80 18.27
C ILE B 199 -6.48 11.78 17.14
N PHE B 200 -5.73 10.70 16.97
CA PHE B 200 -4.55 10.75 16.11
C PHE B 200 -4.92 10.83 14.62
N LEU B 201 -5.73 9.92 14.11
CA LEU B 201 -5.94 9.90 12.68
C LEU B 201 -6.72 11.12 12.21
N PRO B 202 -7.59 11.74 13.01
CA PRO B 202 -8.08 13.09 12.69
C PRO B 202 -7.04 14.20 12.65
N ILE B 203 -6.30 14.45 13.74
CA ILE B 203 -5.30 15.50 13.77
C ILE B 203 -4.31 15.38 12.59
N ALA B 204 -4.03 14.18 12.11
CA ALA B 204 -3.27 14.01 10.87
C ALA B 204 -4.00 14.64 9.68
N SER B 205 -5.29 14.35 9.55
CA SER B 205 -6.10 14.84 8.45
C SER B 205 -6.22 16.36 8.45
N LYS B 206 -6.30 16.96 9.64
CA LYS B 206 -6.39 18.41 9.73
C LYS B 206 -5.07 19.08 9.37
N ILE B 207 -3.94 18.46 9.73
CA ILE B 207 -2.66 19.00 9.34
C ILE B 207 -2.51 19.00 7.81
N ARG B 208 -2.92 17.94 7.15
CA ARG B 208 -2.84 17.89 5.70
C ARG B 208 -3.82 18.86 5.04
N ALA B 209 -5.01 19.07 5.60
CA ALA B 209 -5.93 20.05 5.04
C ALA B 209 -5.35 21.46 5.12
N LYS B 210 -4.82 21.85 6.29
CA LYS B 210 -4.36 23.21 6.48
C LYS B 210 -3.04 23.47 5.76
N SER B 211 -2.18 22.46 5.57
CA SER B 211 -1.03 22.65 4.70
C SER B 211 -1.46 22.95 3.27
N ALA B 212 -2.47 22.24 2.73
CA ALA B 212 -2.91 22.49 1.37
C ALA B 212 -3.45 23.92 1.17
N GLU B 213 -4.10 24.50 2.17
CA GLU B 213 -4.56 25.87 2.10
C GLU B 213 -3.35 26.82 2.01
N GLU B 214 -2.31 26.60 2.82
CA GLU B 214 -1.16 27.49 2.82
C GLU B 214 -0.35 27.37 1.53
N ILE B 215 -0.20 26.17 1.00
CA ILE B 215 0.51 25.95 -0.25
C ILE B 215 -0.22 26.65 -1.39
N LEU B 216 -1.55 26.65 -1.41
CA LEU B 216 -2.27 27.33 -2.46
C LEU B 216 -2.05 28.84 -2.36
N VAL B 217 -1.93 29.41 -1.16
CA VAL B 217 -1.63 30.82 -1.03
C VAL B 217 -0.25 31.10 -1.61
N MET B 218 0.75 30.24 -1.36
CA MET B 218 2.06 30.47 -1.92
C MET B 218 2.04 30.38 -3.45
N GLU B 219 1.31 29.40 -4.00
CA GLU B 219 1.20 29.26 -5.45
C GLU B 219 0.62 30.52 -6.09
N MET B 220 -0.27 31.21 -5.37
CA MET B 220 -0.81 32.45 -5.88
C MET B 220 0.28 33.51 -5.90
N ILE B 221 1.02 33.67 -4.79
CA ILE B 221 2.05 34.68 -4.74
C ILE B 221 3.13 34.43 -5.80
N LEU B 222 3.33 33.18 -6.18
CA LEU B 222 4.23 32.87 -7.29
C LEU B 222 3.67 33.37 -8.61
N GLU B 223 2.40 33.05 -8.91
CA GLU B 223 1.82 33.48 -10.17
C GLU B 223 1.68 35.02 -10.25
N GLY B 224 1.42 35.64 -9.10
CA GLY B 224 1.43 37.10 -9.00
C GLY B 224 2.79 37.72 -9.30
N VAL B 225 3.87 37.19 -8.73
CA VAL B 225 5.21 37.71 -8.92
C VAL B 225 5.66 37.54 -10.37
N LEU B 226 5.37 36.39 -11.00
CA LEU B 226 5.74 36.21 -12.39
C LEU B 226 4.93 37.16 -13.29
N SER B 227 3.65 37.39 -12.99
CA SER B 227 2.86 38.36 -13.74
C SER B 227 3.39 39.79 -13.60
N VAL B 228 3.84 40.17 -12.40
CA VAL B 228 4.45 41.46 -12.13
C VAL B 228 5.76 41.64 -12.92
N GLN B 229 6.54 40.57 -13.13
CA GLN B 229 7.74 40.66 -13.95
C GLN B 229 7.36 40.83 -15.43
N ASN B 230 6.35 40.10 -15.90
CA ASN B 230 5.90 40.14 -17.29
C ASN B 230 5.29 41.51 -17.65
N GLY B 231 4.64 42.18 -16.69
CA GLY B 231 4.09 43.51 -16.91
C GLY B 231 2.72 43.47 -17.57
N ASP B 232 1.91 42.47 -17.18
CA ASP B 232 0.52 42.35 -17.61
C ASP B 232 -0.30 43.54 -17.13
N ASN B 233 -1.39 43.86 -17.87
CA ASN B 233 -2.35 44.85 -17.43
C ASN B 233 -3.22 44.28 -16.30
N ALA B 234 -3.69 45.15 -15.41
CA ALA B 234 -4.22 44.77 -14.10
C ALA B 234 -5.39 43.79 -14.19
N LEU B 235 -6.26 43.91 -15.21
CA LEU B 235 -7.45 43.08 -15.35
C LEU B 235 -7.09 41.61 -15.54
N LEU B 236 -6.01 41.34 -16.30
CA LEU B 236 -5.56 39.97 -16.53
C LEU B 236 -5.01 39.35 -15.24
N VAL B 237 -4.23 40.14 -14.49
CA VAL B 237 -3.66 39.71 -13.22
C VAL B 237 -4.78 39.36 -12.25
N ARG B 238 -5.74 40.29 -12.11
CA ARG B 238 -6.82 40.13 -11.15
C ARG B 238 -7.64 38.89 -11.47
N LYS B 239 -7.89 38.62 -12.76
CA LYS B 239 -8.62 37.42 -13.16
C LYS B 239 -7.85 36.15 -12.76
N LYS B 240 -6.53 36.10 -13.02
CA LYS B 240 -5.73 34.92 -12.78
C LYS B 240 -5.61 34.65 -11.30
N LEU B 241 -5.14 35.64 -10.53
CA LEU B 241 -4.92 35.46 -9.09
C LEU B 241 -6.20 35.07 -8.37
N ASN B 242 -7.33 35.64 -8.79
CA ASN B 242 -8.61 35.32 -8.20
C ASN B 242 -8.94 33.84 -8.34
N THR B 243 -8.51 33.19 -9.43
CA THR B 243 -8.85 31.78 -9.63
C THR B 243 -8.31 30.92 -8.48
N TYR B 244 -7.25 31.39 -7.81
CA TYR B 244 -6.75 30.72 -6.63
C TYR B 244 -7.69 30.89 -5.43
N ILE B 245 -8.22 32.09 -5.20
CA ILE B 245 -9.12 32.31 -4.07
C ILE B 245 -10.44 31.58 -4.37
N THR B 246 -11.10 31.06 -3.32
CA THR B 246 -12.36 30.34 -3.47
C THR B 246 -13.54 31.27 -3.11
N MET C 1 24.82 5.30 21.10
CA MET C 1 23.35 5.10 21.29
C MET C 1 22.63 6.44 21.19
N ASP C 2 21.38 6.39 20.67
CA ASP C 2 20.60 7.58 20.40
C ASP C 2 19.48 7.76 21.43
N ILE C 3 19.29 8.98 21.95
CA ILE C 3 18.52 9.23 23.16
C ILE C 3 17.04 8.90 22.94
N ALA C 4 16.48 9.19 21.76
CA ALA C 4 15.07 8.90 21.51
C ALA C 4 14.84 7.38 21.47
N THR C 5 15.81 6.62 20.93
CA THR C 5 15.69 5.17 20.92
C THR C 5 15.78 4.63 22.33
N LEU C 6 16.70 5.18 23.14
CA LEU C 6 16.92 4.69 24.49
C LEU C 6 15.68 4.92 25.36
N ILE C 7 15.09 6.12 25.30
CA ILE C 7 13.87 6.40 26.05
C ILE C 7 12.69 5.57 25.51
N GLY C 8 12.62 5.35 24.20
CA GLY C 8 11.61 4.48 23.63
C GLY C 8 11.73 3.03 24.12
N LEU C 9 12.93 2.47 24.25
CA LEU C 9 13.13 1.12 24.75
C LEU C 9 12.77 1.02 26.22
N ILE C 10 13.10 2.04 27.01
CA ILE C 10 12.73 2.08 28.42
C ILE C 10 11.19 2.11 28.56
N ALA C 11 10.52 2.95 27.78
CA ALA C 11 9.07 3.02 27.77
C ALA C 11 8.44 1.70 27.29
N GLY C 12 9.04 1.02 26.31
CA GLY C 12 8.54 -0.23 25.79
C GLY C 12 8.59 -1.36 26.83
N ALA C 13 9.74 -1.48 27.51
CA ALA C 13 9.89 -2.45 28.59
C ALA C 13 8.91 -2.16 29.72
N VAL C 14 8.76 -0.91 30.15
CA VAL C 14 7.81 -0.54 31.20
C VAL C 14 6.37 -0.83 30.79
N ALA C 15 6.01 -0.62 29.53
CA ALA C 15 4.66 -0.87 29.05
C ALA C 15 4.32 -2.36 29.14
N ILE C 16 5.18 -3.21 28.56
CA ILE C 16 4.90 -4.63 28.50
C ILE C 16 5.08 -5.29 29.87
N ILE C 17 6.22 -5.08 30.53
CA ILE C 17 6.52 -5.76 31.78
C ILE C 17 5.68 -5.15 32.91
N GLY C 18 5.61 -3.83 32.98
CA GLY C 18 4.80 -3.18 34.01
C GLY C 18 3.32 -3.47 33.85
N GLY C 19 2.85 -3.50 32.60
CA GLY C 19 1.47 -3.88 32.31
C GLY C 19 1.13 -5.28 32.79
N PHE C 20 2.06 -6.23 32.67
CA PHE C 20 1.86 -7.60 33.13
C PHE C 20 1.83 -7.65 34.65
N LEU C 21 2.81 -7.02 35.32
CA LEU C 21 3.03 -7.16 36.75
C LEU C 21 1.98 -6.40 37.58
N TRP C 22 1.44 -5.30 37.07
CA TRP C 22 0.62 -4.41 37.88
C TRP C 22 -0.71 -5.06 38.32
N GLU C 23 -1.17 -6.10 37.61
CA GLU C 23 -2.38 -6.85 37.93
C GLU C 23 -2.07 -8.16 38.67
N GLY C 24 -0.83 -8.36 39.14
CA GLY C 24 -0.51 -9.40 40.10
C GLY C 24 0.05 -10.69 39.48
N GLY C 25 0.52 -10.62 38.23
CA GLY C 25 1.30 -11.69 37.64
C GLY C 25 2.74 -11.75 38.17
N GLN C 26 3.62 -12.46 37.44
CA GLN C 26 5.00 -12.67 37.87
C GLN C 26 5.93 -12.55 36.67
N ILE C 27 7.15 -12.01 36.89
CA ILE C 27 8.19 -12.01 35.87
C ILE C 27 8.60 -13.44 35.50
N THR C 28 8.53 -14.38 36.46
CA THR C 28 8.83 -15.78 36.18
C THR C 28 7.75 -16.43 35.34
N GLY C 29 6.49 -15.97 35.42
CA GLY C 29 5.42 -16.39 34.51
C GLY C 29 5.59 -15.83 33.09
N LEU C 30 6.10 -14.61 32.98
CA LEU C 30 6.28 -13.92 31.72
C LEU C 30 7.51 -14.40 30.96
N PHE C 31 8.63 -14.66 31.66
CA PHE C 31 9.87 -15.04 30.99
C PHE C 31 9.91 -16.53 30.72
N GLN C 32 9.76 -16.92 29.45
CA GLN C 32 9.67 -18.30 29.02
C GLN C 32 10.76 -18.65 28.00
N GLY C 33 11.61 -19.61 28.35
CA GLY C 33 12.76 -19.98 27.54
C GLY C 33 12.38 -20.60 26.21
N THR C 34 11.44 -21.55 26.21
CA THR C 34 11.12 -22.27 24.97
C THR C 34 10.43 -21.35 23.97
N ALA C 35 9.59 -20.44 24.44
CA ALA C 35 8.94 -19.45 23.60
C ALA C 35 9.95 -18.47 23.00
N ALA C 36 10.95 -18.05 23.76
CA ALA C 36 12.02 -17.22 23.26
C ALA C 36 12.79 -17.93 22.17
N LEU C 37 13.13 -19.21 22.38
CA LEU C 37 13.92 -19.96 21.41
C LEU C 37 13.13 -20.17 20.13
N ILE C 38 11.82 -20.45 20.18
CA ILE C 38 11.09 -20.70 18.96
C ILE C 38 10.83 -19.40 18.20
N VAL C 39 10.54 -18.28 18.87
CA VAL C 39 10.28 -17.03 18.16
C VAL C 39 11.56 -16.40 17.62
N PHE C 40 12.61 -16.32 18.45
CA PHE C 40 13.82 -15.66 18.02
C PHE C 40 14.61 -16.58 17.10
N GLY C 41 14.74 -17.84 17.47
CA GLY C 41 15.43 -18.80 16.61
C GLY C 41 14.76 -18.93 15.25
N GLY C 42 13.44 -18.98 15.23
CA GLY C 42 12.69 -19.08 14.01
C GLY C 42 12.81 -17.84 13.13
N THR C 43 12.83 -16.65 13.73
CA THR C 43 12.99 -15.42 12.98
C THR C 43 14.36 -15.37 12.32
N ILE C 44 15.39 -15.71 13.08
CA ILE C 44 16.76 -15.74 12.57
C ILE C 44 16.87 -16.73 11.40
N ALA C 45 16.25 -17.91 11.55
CA ALA C 45 16.27 -18.90 10.50
C ALA C 45 15.59 -18.36 9.23
N ALA C 46 14.42 -17.77 9.36
CA ALA C 46 13.68 -17.32 8.19
C ALA C 46 14.40 -16.19 7.46
N VAL C 47 15.05 -15.29 8.19
CA VAL C 47 15.82 -14.22 7.57
C VAL C 47 17.07 -14.77 6.88
N LEU C 48 17.80 -15.72 7.50
CA LEU C 48 18.95 -16.33 6.85
C LEU C 48 18.57 -17.08 5.57
N ILE C 49 17.44 -17.78 5.54
CA ILE C 49 17.02 -18.46 4.32
C ILE C 49 16.62 -17.44 3.26
N SER C 50 16.04 -16.31 3.70
CA SER C 50 15.47 -15.31 2.82
C SER C 50 16.51 -14.45 2.06
N TYR C 51 17.71 -14.24 2.63
CA TYR C 51 18.70 -13.36 2.03
C TYR C 51 20.03 -14.04 1.77
N PRO C 52 20.77 -13.60 0.73
CA PRO C 52 22.15 -14.00 0.53
C PRO C 52 23.02 -13.61 1.70
N MET C 53 24.19 -14.24 1.86
CA MET C 53 24.99 -14.02 3.04
C MET C 53 25.53 -12.59 3.13
N HIS C 54 25.91 -11.99 2.00
CA HIS C 54 26.52 -10.67 2.04
C HIS C 54 25.59 -9.60 2.62
N ARG C 55 24.27 -9.74 2.41
CA ARG C 55 23.33 -8.80 2.98
C ARG C 55 23.28 -8.88 4.49
N ILE C 56 23.44 -10.06 5.05
CA ILE C 56 23.40 -10.19 6.49
C ILE C 56 24.60 -9.48 7.16
N ARG C 57 25.77 -9.50 6.52
CA ARG C 57 26.87 -8.69 7.00
C ARG C 57 26.59 -7.18 6.94
N THR C 58 25.69 -6.70 6.06
CA THR C 58 25.27 -5.31 6.12
C THR C 58 24.46 -4.95 7.38
N LEU C 59 23.88 -5.94 8.10
CA LEU C 59 23.10 -5.63 9.29
C LEU C 59 23.86 -4.74 10.29
N PRO C 60 25.13 -5.02 10.64
CA PRO C 60 25.92 -4.08 11.43
C PRO C 60 25.85 -2.64 10.97
N ALA C 61 26.01 -2.41 9.66
CA ALA C 61 26.02 -1.06 9.14
C ALA C 61 24.64 -0.43 9.25
N GLY C 62 23.59 -1.22 9.11
CA GLY C 62 22.23 -0.72 9.18
C GLY C 62 21.88 -0.08 10.54
N ILE C 63 22.23 -0.79 11.60
CA ILE C 63 22.02 -0.29 12.95
C ILE C 63 22.89 0.94 13.20
N LYS C 64 24.09 1.01 12.62
CA LYS C 64 24.96 2.15 12.82
C LYS C 64 24.34 3.39 12.20
N LEU C 65 23.67 3.29 11.05
CA LEU C 65 22.96 4.43 10.47
C LEU C 65 21.76 4.82 11.32
N ALA C 66 21.00 3.84 11.81
CA ALA C 66 19.79 4.10 12.57
C ALA C 66 20.05 4.92 13.83
N PHE C 67 21.19 4.69 14.49
CA PHE C 67 21.52 5.35 15.74
C PHE C 67 22.65 6.38 15.61
N LYS C 68 22.89 6.89 14.39
CA LYS C 68 23.94 7.87 14.21
C LYS C 68 23.57 9.14 14.97
N PRO C 69 24.43 9.64 15.89
CA PRO C 69 24.18 10.94 16.50
C PRO C 69 24.25 12.01 15.40
N ASN C 70 23.28 12.93 15.38
CA ASN C 70 23.18 13.93 14.33
C ASN C 70 24.07 15.11 14.69
N ARG C 71 25.38 14.97 14.62
CA ARG C 71 26.28 16.10 14.76
C ARG C 71 26.30 16.82 13.41
N SER C 72 25.24 17.56 13.09
CA SER C 72 25.05 18.10 11.74
C SER C 72 26.29 18.90 11.29
N GLU C 73 26.81 18.57 10.10
CA GLU C 73 27.87 19.32 9.47
C GLU C 73 27.33 19.99 8.22
N VAL C 74 26.04 19.81 7.92
CA VAL C 74 25.44 20.37 6.72
C VAL C 74 25.67 21.88 6.67
N ASN C 75 25.49 22.56 7.81
CA ASN C 75 25.67 24.01 7.83
C ASN C 75 27.11 24.35 7.47
N GLU C 76 28.06 23.54 7.96
CA GLU C 76 29.46 23.80 7.71
C GLU C 76 29.72 23.76 6.20
N TRP C 77 29.15 22.78 5.50
CA TRP C 77 29.38 22.63 4.07
C TRP C 77 28.79 23.77 3.27
N LEU C 78 27.62 24.26 3.67
CA LEU C 78 27.01 25.34 2.91
C LEU C 78 27.96 26.53 2.84
N GLU C 79 28.69 26.78 3.94
CA GLU C 79 29.70 27.82 3.89
C GLU C 79 30.77 27.47 2.86
N ASP C 80 31.26 26.23 2.89
CA ASP C 80 32.30 25.80 1.97
C ASP C 80 31.87 26.01 0.51
N ILE C 81 30.64 25.64 0.16
CA ILE C 81 30.17 25.80 -1.22
C ILE C 81 30.08 27.28 -1.58
N VAL C 82 29.60 28.11 -0.65
CA VAL C 82 29.38 29.52 -0.99
C VAL C 82 30.74 30.19 -1.20
N GLU C 83 31.71 29.91 -0.31
CA GLU C 83 33.00 30.58 -0.43
C GLU C 83 33.74 30.08 -1.67
N MET C 84 33.64 28.79 -1.97
CA MET C 84 34.17 28.18 -3.18
C MET C 84 33.58 28.83 -4.43
N SER C 85 32.28 29.15 -4.40
CA SER C 85 31.62 29.76 -5.55
C SER C 85 32.21 31.14 -5.85
N MET C 86 32.43 31.97 -4.81
CA MET C 86 32.98 33.30 -5.05
C MET C 86 34.45 33.21 -5.48
N VAL C 87 35.22 32.20 -5.02
CA VAL C 87 36.55 31.96 -5.56
C VAL C 87 36.49 31.61 -7.05
N ALA C 88 35.57 30.72 -7.45
CA ALA C 88 35.43 30.33 -8.85
C ALA C 88 35.16 31.53 -9.76
N ARG C 89 34.33 32.46 -9.30
CA ARG C 89 33.93 33.64 -10.06
C ARG C 89 35.09 34.62 -10.24
N ARG C 90 35.81 34.92 -9.15
CA ARG C 90 36.89 35.90 -9.20
C ARG C 90 38.15 35.34 -9.85
N GLU C 91 38.60 34.17 -9.39
CA GLU C 91 39.95 33.66 -9.66
C GLU C 91 40.01 32.84 -10.95
N GLY C 92 38.88 32.26 -11.38
CA GLY C 92 38.88 31.25 -12.43
C GLY C 92 38.93 29.84 -11.85
N VAL C 93 38.37 28.88 -12.59
CA VAL C 93 37.98 27.58 -12.05
C VAL C 93 39.18 26.78 -11.55
N LEU C 94 40.38 27.07 -12.10
CA LEU C 94 41.61 26.38 -11.72
C LEU C 94 41.87 26.46 -10.22
N ALA C 95 41.45 27.55 -9.55
CA ALA C 95 41.63 27.72 -8.12
C ALA C 95 40.95 26.62 -7.30
N LEU C 96 39.83 26.07 -7.79
CA LEU C 96 39.10 25.01 -7.11
C LEU C 96 39.96 23.75 -7.01
N GLU C 97 40.76 23.43 -8.03
CA GLU C 97 41.68 22.31 -8.01
C GLU C 97 42.68 22.46 -6.87
N GLN C 98 43.23 23.66 -6.65
CA GLN C 98 44.17 23.89 -5.55
C GLN C 98 43.46 23.74 -4.20
N LYS C 99 42.21 24.22 -4.11
CA LYS C 99 41.46 24.30 -2.87
C LYS C 99 40.93 22.94 -2.38
N VAL C 100 40.26 22.17 -3.26
CA VAL C 100 39.36 21.10 -2.86
C VAL C 100 40.06 19.75 -3.04
N LEU C 101 41.08 19.50 -2.21
CA LEU C 101 41.92 18.30 -2.29
C LEU C 101 41.89 17.49 -0.98
N ASP C 102 41.84 18.20 0.15
CA ASP C 102 41.80 17.60 1.47
C ASP C 102 40.38 17.40 2.00
N HIS C 103 39.37 17.78 1.21
CA HIS C 103 38.01 17.92 1.71
C HIS C 103 37.43 16.57 2.11
N PRO C 104 36.86 16.44 3.34
CA PRO C 104 36.38 15.15 3.82
C PRO C 104 35.14 14.62 3.10
N ASN C 105 34.35 15.48 2.44
CA ASN C 105 33.16 15.03 1.73
C ASN C 105 33.52 14.60 0.30
N ILE C 106 33.58 13.29 0.08
CA ILE C 106 34.00 12.73 -1.19
C ILE C 106 33.03 13.10 -2.30
N PHE C 107 31.72 13.16 -2.03
CA PHE C 107 30.73 13.45 -3.05
C PHE C 107 30.90 14.89 -3.56
N LEU C 108 31.10 15.84 -2.65
CA LEU C 108 31.41 17.22 -3.04
C LEU C 108 32.74 17.28 -3.80
N ARG C 109 33.76 16.58 -3.34
CA ARG C 109 35.06 16.58 -4.01
C ARG C 109 34.95 16.12 -5.46
N GLU C 110 34.24 15.03 -5.71
CA GLU C 110 34.05 14.52 -7.06
C GLU C 110 33.20 15.45 -7.91
N GLY C 111 32.18 16.08 -7.34
CA GLY C 111 31.42 17.09 -8.05
C GLY C 111 32.29 18.23 -8.59
N ILE C 112 33.16 18.74 -7.73
CA ILE C 112 34.04 19.84 -8.11
C ILE C 112 35.06 19.36 -9.16
N GLN C 113 35.58 18.13 -9.01
CA GLN C 113 36.51 17.58 -9.98
C GLN C 113 35.90 17.54 -11.37
N LEU C 114 34.62 17.15 -11.48
CA LEU C 114 33.93 17.10 -12.76
C LEU C 114 33.80 18.49 -13.40
N VAL C 115 33.60 19.55 -12.60
CA VAL C 115 33.50 20.90 -13.11
C VAL C 115 34.87 21.42 -13.53
N VAL C 116 35.93 21.12 -12.75
CA VAL C 116 37.30 21.49 -13.10
C VAL C 116 37.74 20.88 -14.44
N ASP C 117 37.42 19.59 -14.65
CA ASP C 117 37.72 18.89 -15.90
C ASP C 117 36.85 19.40 -17.07
N GLY C 118 35.98 20.39 -16.85
CA GLY C 118 35.31 21.12 -17.92
C GLY C 118 34.15 20.35 -18.55
N THR C 119 33.64 19.34 -17.84
CA THR C 119 32.56 18.50 -18.37
C THR C 119 31.26 19.30 -18.46
N ASP C 120 30.39 18.86 -19.38
CA ASP C 120 29.14 19.53 -19.70
C ASP C 120 28.12 19.34 -18.56
N GLN C 121 27.27 20.35 -18.36
CA GLN C 121 26.36 20.40 -17.22
C GLN C 121 25.42 19.19 -17.17
N PRO C 122 24.75 18.74 -18.27
CA PRO C 122 23.92 17.55 -18.22
C PRO C 122 24.67 16.27 -17.86
N ILE C 123 25.94 16.17 -18.24
CA ILE C 123 26.78 15.03 -17.86
C ILE C 123 27.07 15.07 -16.35
N VAL C 124 27.41 16.26 -15.81
CA VAL C 124 27.67 16.40 -14.39
C VAL C 124 26.44 16.03 -13.57
N ARG C 125 25.28 16.53 -13.96
CA ARG C 125 24.03 16.19 -13.29
C ARG C 125 23.80 14.67 -13.35
N GLN C 126 24.00 14.03 -14.51
CA GLN C 126 23.78 12.61 -14.64
C GLN C 126 24.67 11.79 -13.69
N ILE C 127 25.97 12.08 -13.68
CA ILE C 127 26.89 11.29 -12.87
C ILE C 127 26.62 11.46 -11.37
N MET C 128 26.35 12.71 -10.94
CA MET C 128 26.07 13.00 -9.54
C MET C 128 24.76 12.34 -9.10
N GLU C 129 23.73 12.38 -9.94
CA GLU C 129 22.47 11.75 -9.60
C GLU C 129 22.64 10.23 -9.53
N LEU C 130 23.50 9.60 -10.34
CA LEU C 130 23.75 8.17 -10.21
C LEU C 130 24.33 7.82 -8.85
N ASP C 131 25.18 8.67 -8.29
CA ASP C 131 25.72 8.43 -6.97
C ASP C 131 24.67 8.61 -5.86
N ILE C 132 23.76 9.57 -6.02
CA ILE C 132 22.63 9.73 -5.10
C ILE C 132 21.75 8.49 -5.17
N ASP C 133 21.41 8.01 -6.37
CA ASP C 133 20.55 6.84 -6.52
C ASP C 133 21.18 5.60 -5.91
N ALA C 134 22.50 5.45 -6.03
CA ALA C 134 23.20 4.34 -5.42
C ALA C 134 23.11 4.37 -3.91
N LYS C 135 23.21 5.55 -3.28
CA LYS C 135 23.09 5.64 -1.84
C LYS C 135 21.66 5.42 -1.38
N GLU C 136 20.67 5.88 -2.14
CA GLU C 136 19.28 5.62 -1.79
C GLU C 136 18.98 4.13 -1.80
N GLN C 137 19.50 3.41 -2.79
CA GLN C 137 19.28 1.97 -2.92
C GLN C 137 19.95 1.20 -1.78
N GLU C 138 21.14 1.64 -1.37
CA GLU C 138 21.85 0.99 -0.30
C GLU C 138 21.06 1.08 1.01
N HIS C 139 20.56 2.27 1.36
CA HIS C 139 19.79 2.43 2.58
C HIS C 139 18.46 1.69 2.56
N ASP C 140 17.80 1.60 1.41
CA ASP C 140 16.60 0.80 1.30
C ASP C 140 16.89 -0.68 1.62
N ASN C 141 18.03 -1.19 1.16
CA ASN C 141 18.37 -2.59 1.38
C ASN C 141 18.57 -2.89 2.88
N TYR C 142 19.12 -1.94 3.65
CA TYR C 142 19.25 -2.11 5.09
C TYR C 142 17.88 -2.19 5.77
N ALA C 143 17.01 -1.28 5.39
CA ALA C 143 15.68 -1.26 5.97
C ALA C 143 14.94 -2.56 5.69
N LYS C 144 15.03 -3.10 4.49
CA LYS C 144 14.31 -4.30 4.12
C LYS C 144 14.65 -5.52 4.98
N LEU C 145 15.89 -5.62 5.50
CA LEU C 145 16.17 -6.71 6.43
C LEU C 145 15.31 -6.60 7.69
N PHE C 146 15.16 -5.41 8.27
CA PHE C 146 14.37 -5.28 9.48
C PHE C 146 12.90 -5.40 9.18
N GLU C 147 12.40 -4.94 8.05
CA GLU C 147 11.00 -5.09 7.74
C GLU C 147 10.64 -6.57 7.61
N SER C 148 11.52 -7.36 6.97
CA SER C 148 11.28 -8.80 6.80
C SER C 148 11.37 -9.57 8.11
N ALA C 149 12.30 -9.22 8.99
CA ALA C 149 12.33 -9.79 10.34
C ALA C 149 11.05 -9.53 11.12
N GLY C 150 10.51 -8.34 11.01
CA GLY C 150 9.26 -7.97 11.65
C GLY C 150 8.04 -8.69 11.08
N SER C 151 8.11 -9.14 9.83
CA SER C 151 7.05 -9.95 9.24
C SER C 151 7.06 -11.40 9.76
N TYR C 152 8.26 -11.99 9.87
CA TYR C 152 8.35 -13.38 10.29
C TYR C 152 8.08 -13.54 11.78
N ALA C 153 8.49 -12.57 12.60
CA ALA C 153 8.44 -12.77 14.05
C ALA C 153 7.03 -13.06 14.56
N PRO C 154 5.96 -12.35 14.17
CA PRO C 154 4.63 -12.73 14.58
C PRO C 154 4.23 -14.13 14.15
N THR C 155 4.58 -14.55 12.93
CA THR C 155 4.19 -15.90 12.50
C THR C 155 4.92 -16.98 13.28
N MET C 156 6.16 -16.71 13.70
CA MET C 156 6.85 -17.65 14.57
C MET C 156 6.18 -17.72 15.93
N GLY C 157 5.60 -16.61 16.42
CA GLY C 157 4.81 -16.65 17.63
C GLY C 157 3.60 -17.59 17.51
N ILE C 158 2.93 -17.63 16.36
CA ILE C 158 1.86 -18.57 16.14
C ILE C 158 2.41 -20.00 16.17
N ILE C 159 3.57 -20.29 15.56
CA ILE C 159 4.13 -21.63 15.58
C ILE C 159 4.43 -22.04 17.02
N GLY C 160 5.06 -21.18 17.80
CA GLY C 160 5.32 -21.49 19.19
C GLY C 160 4.02 -21.75 19.99
N THR C 161 2.92 -21.03 19.71
CA THR C 161 1.69 -21.27 20.42
C THR C 161 1.08 -22.62 20.03
N VAL C 162 0.92 -22.88 18.73
CA VAL C 162 0.26 -24.12 18.33
C VAL C 162 1.09 -25.33 18.77
N MET C 163 2.40 -25.24 18.77
CA MET C 163 3.24 -26.30 19.31
C MET C 163 3.02 -26.46 20.80
N GLY C 164 2.84 -25.36 21.53
CA GLY C 164 2.48 -25.42 22.94
C GLY C 164 1.15 -26.10 23.21
N LEU C 165 0.14 -25.79 22.41
CA LEU C 165 -1.16 -26.43 22.56
C LEU C 165 -1.10 -27.91 22.21
N ILE C 166 -0.23 -28.33 21.28
CA ILE C 166 -0.06 -29.73 20.96
C ILE C 166 0.43 -30.49 22.19
N GLN C 167 1.41 -29.93 22.90
CA GLN C 167 1.97 -30.63 24.04
C GLN C 167 0.93 -30.72 25.16
N VAL C 168 0.22 -29.62 25.46
CA VAL C 168 -0.67 -29.58 26.62
C VAL C 168 -1.90 -30.45 26.38
N LEU C 169 -2.59 -30.24 25.26
CA LEU C 169 -3.81 -30.99 24.96
C LEU C 169 -3.49 -32.46 24.78
N GLY C 170 -2.21 -32.80 24.62
CA GLY C 170 -1.79 -34.17 24.40
C GLY C 170 -1.75 -34.98 25.69
N HIS C 171 -1.21 -34.35 26.75
CA HIS C 171 -1.03 -35.00 28.04
C HIS C 171 -2.16 -34.63 29.00
N LEU C 172 -3.29 -34.16 28.45
CA LEU C 172 -4.51 -33.95 29.20
C LEU C 172 -5.34 -35.22 29.14
N THR C 173 -5.70 -35.74 30.33
CA THR C 173 -6.61 -36.87 30.45
C THR C 173 -7.95 -36.41 31.01
N ASP C 174 -8.05 -35.17 31.49
CA ASP C 174 -9.31 -34.64 32.00
C ASP C 174 -9.20 -33.13 32.13
N PRO C 175 -10.33 -32.38 32.23
CA PRO C 175 -10.29 -30.93 32.39
C PRO C 175 -9.88 -30.43 33.79
N SER C 176 -8.63 -30.73 34.17
CA SER C 176 -7.98 -30.13 35.33
C SER C 176 -6.60 -29.59 34.93
N GLN C 177 -6.22 -28.46 35.54
CA GLN C 177 -4.95 -27.76 35.36
C GLN C 177 -4.68 -27.40 33.90
N LEU C 178 -5.75 -27.26 33.10
CA LEU C 178 -5.57 -26.94 31.68
C LEU C 178 -5.28 -25.45 31.51
N GLY C 179 -5.87 -24.60 32.35
CA GLY C 179 -5.77 -23.16 32.21
C GLY C 179 -4.34 -22.63 32.26
N PRO C 180 -3.57 -22.92 33.32
CA PRO C 180 -2.16 -22.56 33.39
C PRO C 180 -1.31 -23.06 32.22
N SER C 181 -1.63 -24.25 31.71
CA SER C 181 -0.89 -24.87 30.63
C SER C 181 -1.10 -24.10 29.33
N ILE C 182 -2.36 -23.80 29.02
CA ILE C 182 -2.69 -23.09 27.80
C ILE C 182 -2.15 -21.65 27.86
N ALA C 183 -2.17 -21.04 29.06
CA ALA C 183 -1.68 -19.68 29.24
C ALA C 183 -0.23 -19.53 28.73
N VAL C 184 0.64 -20.48 29.11
CA VAL C 184 2.03 -20.41 28.73
C VAL C 184 2.20 -20.49 27.22
N ALA C 185 1.37 -21.29 26.54
CA ALA C 185 1.41 -21.35 25.08
C ALA C 185 1.26 -19.97 24.43
N PHE C 186 0.33 -19.16 24.97
CA PHE C 186 0.12 -17.82 24.45
C PHE C 186 1.29 -16.87 24.68
N ILE C 187 2.19 -17.13 25.65
CA ILE C 187 3.39 -16.30 25.76
C ILE C 187 4.20 -16.25 24.47
N ALA C 188 4.21 -17.34 23.71
CA ALA C 188 4.95 -17.30 22.45
C ALA C 188 4.32 -16.32 21.45
N THR C 189 2.97 -16.23 21.43
CA THR C 189 2.33 -15.24 20.57
C THR C 189 2.68 -13.84 21.03
N LEU C 190 2.70 -13.60 22.34
CA LEU C 190 3.01 -12.29 22.89
C LEU C 190 4.42 -11.84 22.47
N TYR C 191 5.44 -12.70 22.54
CA TYR C 191 6.78 -12.30 22.09
C TYR C 191 6.83 -12.00 20.59
N GLY C 192 6.08 -12.76 19.80
CA GLY C 192 6.06 -12.50 18.38
C GLY C 192 5.52 -11.12 18.04
N VAL C 193 4.34 -10.77 18.56
CA VAL C 193 3.70 -9.51 18.23
C VAL C 193 4.43 -8.36 18.89
N ALA C 194 4.82 -8.51 20.14
CA ALA C 194 5.45 -7.43 20.86
C ALA C 194 6.84 -7.11 20.35
N SER C 195 7.66 -8.11 20.00
CA SER C 195 8.98 -7.84 19.45
C SER C 195 8.90 -7.20 18.07
N ALA C 196 8.01 -7.68 17.23
CA ALA C 196 7.84 -7.12 15.91
C ALA C 196 7.47 -5.65 16.01
N ASN C 197 6.43 -5.33 16.78
CA ASN C 197 5.90 -3.98 16.82
C ASN C 197 6.80 -3.01 17.52
N LEU C 198 7.37 -3.32 18.67
CA LEU C 198 8.28 -2.35 19.29
C LEU C 198 9.68 -2.35 18.64
N ILE C 199 10.38 -3.47 18.53
CA ILE C 199 11.78 -3.45 18.10
C ILE C 199 11.96 -3.41 16.58
N PHE C 200 11.35 -4.33 15.86
CA PHE C 200 11.73 -4.54 14.46
C PHE C 200 11.15 -3.48 13.54
N LEU C 201 9.86 -3.17 13.63
CA LEU C 201 9.34 -2.26 12.64
C LEU C 201 9.75 -0.83 12.97
N PRO C 202 9.83 -0.37 14.24
CA PRO C 202 10.53 0.86 14.53
C PRO C 202 11.95 1.01 14.02
N ILE C 203 12.82 0.02 14.16
CA ILE C 203 14.16 0.19 13.63
C ILE C 203 14.15 0.29 12.11
N ALA C 204 13.25 -0.42 11.41
CA ALA C 204 13.07 -0.21 9.98
C ALA C 204 12.67 1.24 9.67
N SER C 205 11.67 1.75 10.41
CA SER C 205 11.17 3.10 10.21
C SER C 205 12.23 4.17 10.43
N LYS C 206 13.10 3.96 11.42
CA LYS C 206 14.13 4.89 11.75
C LYS C 206 15.25 4.91 10.72
N ILE C 207 15.57 3.73 10.15
CA ILE C 207 16.54 3.68 9.07
C ILE C 207 16.02 4.48 7.88
N ARG C 208 14.74 4.34 7.53
CA ARG C 208 14.24 5.08 6.41
C ARG C 208 14.18 6.59 6.66
N ALA C 209 13.86 7.01 7.89
CA ALA C 209 13.85 8.42 8.21
C ALA C 209 15.25 9.03 8.08
N LYS C 210 16.27 8.38 8.66
CA LYS C 210 17.60 8.95 8.64
C LYS C 210 18.25 8.86 7.25
N SER C 211 17.86 7.88 6.44
CA SER C 211 18.24 7.87 5.03
C SER C 211 17.77 9.13 4.31
N ALA C 212 16.51 9.50 4.50
CA ALA C 212 15.97 10.65 3.79
C ALA C 212 16.69 11.95 4.16
N GLU C 213 17.11 12.10 5.42
CA GLU C 213 17.89 13.25 5.83
C GLU C 213 19.23 13.29 5.12
N GLU C 214 19.91 12.16 4.98
CA GLU C 214 21.21 12.11 4.33
C GLU C 214 21.12 12.38 2.82
N ILE C 215 20.07 11.89 2.17
CA ILE C 215 19.85 12.17 0.77
C ILE C 215 19.63 13.66 0.55
N LEU C 216 18.93 14.38 1.44
CA LEU C 216 18.76 15.81 1.27
C LEU C 216 20.10 16.52 1.38
N VAL C 217 21.04 16.09 2.20
CA VAL C 217 22.34 16.73 2.20
C VAL C 217 23.01 16.54 0.85
N MET C 218 22.93 15.35 0.24
CA MET C 218 23.55 15.15 -1.06
C MET C 218 22.87 16.01 -2.12
N GLU C 219 21.53 16.09 -2.13
CA GLU C 219 20.84 16.86 -3.14
C GLU C 219 21.22 18.34 -3.05
N MET C 220 21.56 18.83 -1.87
CA MET C 220 22.04 20.19 -1.74
C MET C 220 23.41 20.35 -2.38
N ILE C 221 24.35 19.45 -2.08
CA ILE C 221 25.66 19.51 -2.72
C ILE C 221 25.54 19.40 -4.24
N LEU C 222 24.45 18.82 -4.74
CA LEU C 222 24.20 18.82 -6.16
C LEU C 222 23.84 20.23 -6.65
N GLU C 223 22.91 20.93 -6.00
CA GLU C 223 22.60 22.31 -6.42
C GLU C 223 23.77 23.26 -6.15
N GLY C 224 24.57 23.00 -5.12
CA GLY C 224 25.80 23.74 -4.89
C GLY C 224 26.82 23.60 -6.05
N VAL C 225 27.07 22.39 -6.52
CA VAL C 225 28.03 22.15 -7.60
C VAL C 225 27.50 22.73 -8.91
N LEU C 226 26.23 22.56 -9.22
CA LEU C 226 25.71 23.11 -10.47
C LEU C 226 25.70 24.66 -10.44
N SER C 227 25.40 25.27 -9.30
CA SER C 227 25.46 26.72 -9.20
C SER C 227 26.90 27.24 -9.26
N VAL C 228 27.88 26.51 -8.73
CA VAL C 228 29.30 26.82 -8.92
C VAL C 228 29.70 26.79 -10.41
N GLN C 229 29.14 25.86 -11.19
CA GLN C 229 29.45 25.79 -12.61
C GLN C 229 28.84 26.96 -13.36
N ASN C 230 27.59 27.33 -13.02
CA ASN C 230 26.88 28.43 -13.66
C ASN C 230 27.53 29.79 -13.34
N GLY C 231 28.09 29.94 -12.14
CA GLY C 231 28.80 31.16 -11.78
C GLY C 231 27.88 32.26 -11.26
N ASP C 232 26.79 31.86 -10.58
CA ASP C 232 25.86 32.78 -9.97
C ASP C 232 26.55 33.59 -8.86
N ASN C 233 26.02 34.78 -8.59
CA ASN C 233 26.49 35.62 -7.49
C ASN C 233 26.20 34.94 -6.13
N ALA C 234 27.09 35.14 -5.17
CA ALA C 234 27.11 34.38 -3.92
C ALA C 234 25.79 34.44 -3.16
N LEU C 235 25.11 35.60 -3.19
CA LEU C 235 23.85 35.81 -2.47
C LEU C 235 22.77 34.86 -2.99
N LEU C 236 22.74 34.64 -4.31
CA LEU C 236 21.75 33.78 -4.92
C LEU C 236 22.01 32.31 -4.57
N VAL C 237 23.28 31.90 -4.55
CA VAL C 237 23.67 30.55 -4.17
C VAL C 237 23.27 30.30 -2.72
N ARG C 238 23.59 31.24 -1.84
CA ARG C 238 23.24 31.12 -0.43
C ARG C 238 21.72 30.99 -0.25
N LYS C 239 20.92 31.68 -1.06
CA LYS C 239 19.47 31.55 -1.03
C LYS C 239 19.02 30.13 -1.37
N LYS C 240 19.50 29.57 -2.49
CA LYS C 240 19.06 28.24 -2.96
C LYS C 240 19.40 27.15 -1.93
N LEU C 241 20.67 27.15 -1.46
CA LEU C 241 21.15 26.11 -0.58
C LEU C 241 20.42 26.18 0.76
N ASN C 242 20.09 27.39 1.24
CA ASN C 242 19.33 27.51 2.47
C ASN C 242 17.96 26.84 2.33
N THR C 243 17.34 26.80 1.15
CA THR C 243 16.03 26.15 1.07
C THR C 243 16.09 24.68 1.47
N TYR C 244 17.25 24.05 1.38
CA TYR C 244 17.38 22.63 1.72
C TYR C 244 17.50 22.44 3.24
N ILE C 245 18.30 23.29 3.90
CA ILE C 245 18.53 23.20 5.33
C ILE C 245 17.25 23.59 6.07
N THR C 246 17.05 23.05 7.28
CA THR C 246 15.88 23.33 8.10
C THR C 246 16.19 24.39 9.18
N MET D 1 24.53 -25.32 -2.70
CA MET D 1 23.59 -24.39 -2.02
C MET D 1 24.32 -23.13 -1.53
N ASP D 2 23.52 -22.09 -1.36
CA ASP D 2 23.94 -20.85 -0.70
C ASP D 2 24.22 -21.11 0.78
N ILE D 3 25.37 -20.61 1.30
CA ILE D 3 25.77 -20.81 2.69
C ILE D 3 24.74 -20.24 3.69
N ALA D 4 24.11 -19.11 3.35
CA ALA D 4 23.11 -18.52 4.20
C ALA D 4 21.88 -19.41 4.29
N THR D 5 21.49 -20.10 3.22
CA THR D 5 20.37 -21.01 3.26
C THR D 5 20.71 -22.24 4.09
N LEU D 6 21.93 -22.74 3.98
CA LEU D 6 22.33 -23.91 4.78
C LEU D 6 22.30 -23.59 6.28
N ILE D 7 22.89 -22.46 6.68
CA ILE D 7 22.88 -22.04 8.09
C ILE D 7 21.46 -21.72 8.55
N GLY D 8 20.63 -21.16 7.69
CA GLY D 8 19.25 -20.87 8.01
C GLY D 8 18.45 -22.14 8.26
N LEU D 9 18.65 -23.20 7.48
CA LEU D 9 17.96 -24.46 7.70
C LEU D 9 18.43 -25.14 8.98
N ILE D 10 19.73 -25.06 9.29
CA ILE D 10 20.24 -25.61 10.54
C ILE D 10 19.64 -24.87 11.74
N ALA D 11 19.62 -23.53 11.70
CA ALA D 11 19.06 -22.72 12.78
C ALA D 11 17.56 -22.97 12.93
N GLY D 12 16.85 -23.13 11.81
CA GLY D 12 15.41 -23.35 11.82
C GLY D 12 15.05 -24.68 12.44
N ALA D 13 15.74 -25.76 12.05
CA ALA D 13 15.50 -27.07 12.64
C ALA D 13 15.83 -27.07 14.13
N VAL D 14 16.95 -26.48 14.55
CA VAL D 14 17.31 -26.42 15.96
C VAL D 14 16.29 -25.61 16.77
N ALA D 15 15.77 -24.51 16.22
CA ALA D 15 14.81 -23.68 16.94
C ALA D 15 13.51 -24.44 17.16
N ILE D 16 12.94 -25.00 16.10
CA ILE D 16 11.62 -25.61 16.15
C ILE D 16 11.66 -26.96 16.89
N ILE D 17 12.58 -27.84 16.52
CA ILE D 17 12.70 -29.15 17.15
C ILE D 17 13.24 -29.00 18.57
N GLY D 18 14.27 -28.18 18.77
CA GLY D 18 14.80 -27.96 20.09
C GLY D 18 13.80 -27.33 21.05
N GLY D 19 12.97 -26.41 20.57
CA GLY D 19 11.91 -25.82 21.38
C GLY D 19 10.90 -26.86 21.83
N PHE D 20 10.45 -27.71 20.91
CA PHE D 20 9.48 -28.76 21.19
C PHE D 20 10.00 -29.80 22.19
N LEU D 21 11.26 -30.21 22.03
CA LEU D 21 11.90 -31.16 22.93
C LEU D 21 12.18 -30.56 24.30
N TRP D 22 12.44 -29.25 24.39
CA TRP D 22 12.76 -28.61 25.66
C TRP D 22 11.50 -28.54 26.53
N GLU D 23 10.34 -28.20 25.95
CA GLU D 23 9.11 -28.19 26.75
C GLU D 23 8.65 -29.62 27.07
N GLY D 24 9.01 -30.58 26.21
CA GLY D 24 8.91 -32.00 26.53
C GLY D 24 8.11 -32.71 25.45
N GLY D 25 8.66 -33.79 24.90
CA GLY D 25 8.02 -34.41 23.75
C GLY D 25 8.85 -35.52 23.14
N GLN D 26 8.31 -36.05 22.03
CA GLN D 26 9.05 -36.91 21.13
C GLN D 26 8.82 -36.42 19.70
N ILE D 27 9.86 -36.46 18.85
CA ILE D 27 9.75 -36.01 17.48
C ILE D 27 8.75 -36.88 16.70
N THR D 28 8.61 -38.15 17.09
CA THR D 28 7.63 -39.05 16.48
C THR D 28 6.18 -38.61 16.74
N GLY D 29 5.96 -37.77 17.77
CA GLY D 29 4.65 -37.18 18.03
C GLY D 29 4.32 -35.95 17.17
N LEU D 30 5.27 -35.48 16.35
CA LEU D 30 5.15 -34.29 15.53
C LEU D 30 5.05 -34.65 14.05
N PHE D 31 4.98 -35.96 13.72
CA PHE D 31 4.83 -36.46 12.37
C PHE D 31 3.42 -37.05 12.15
N GLN D 32 2.70 -36.58 11.13
CA GLN D 32 1.45 -37.18 10.72
C GLN D 32 1.38 -37.35 9.20
N GLY D 33 0.99 -38.55 8.74
CA GLY D 33 0.83 -38.82 7.33
C GLY D 33 -0.31 -38.03 6.69
N THR D 34 -1.50 -38.11 7.30
CA THR D 34 -2.70 -37.52 6.70
C THR D 34 -2.60 -36.00 6.68
N ALA D 35 -2.01 -35.41 7.71
CA ALA D 35 -1.83 -33.96 7.78
C ALA D 35 -0.86 -33.46 6.70
N ALA D 36 0.23 -34.18 6.46
CA ALA D 36 1.15 -33.83 5.37
C ALA D 36 0.46 -33.94 4.02
N LEU D 37 -0.32 -35.01 3.80
CA LEU D 37 -0.98 -35.20 2.53
C LEU D 37 -2.04 -34.14 2.26
N ILE D 38 -2.77 -33.69 3.27
CA ILE D 38 -3.76 -32.64 3.07
C ILE D 38 -3.08 -31.29 2.82
N VAL D 39 -2.04 -30.92 3.59
CA VAL D 39 -1.43 -29.61 3.47
C VAL D 39 -0.62 -29.45 2.20
N PHE D 40 0.26 -30.42 1.92
CA PHE D 40 1.09 -30.32 0.73
C PHE D 40 0.27 -30.65 -0.50
N GLY D 41 -0.57 -31.67 -0.45
CA GLY D 41 -1.41 -32.00 -1.57
C GLY D 41 -2.35 -30.85 -1.94
N GLY D 42 -2.94 -30.20 -0.94
CA GLY D 42 -3.85 -29.10 -1.17
C GLY D 42 -3.13 -27.88 -1.75
N THR D 43 -1.92 -27.59 -1.25
CA THR D 43 -1.14 -26.48 -1.78
C THR D 43 -0.80 -26.70 -3.27
N ILE D 44 -0.35 -27.91 -3.61
CA ILE D 44 0.02 -28.29 -4.96
C ILE D 44 -1.19 -28.21 -5.87
N ALA D 45 -2.36 -28.65 -5.41
CA ALA D 45 -3.56 -28.55 -6.19
C ALA D 45 -3.91 -27.09 -6.49
N ALA D 46 -3.86 -26.22 -5.48
CA ALA D 46 -4.24 -24.83 -5.68
C ALA D 46 -3.28 -24.10 -6.63
N VAL D 47 -1.99 -24.42 -6.58
CA VAL D 47 -1.01 -23.85 -7.49
C VAL D 47 -1.25 -24.35 -8.92
N LEU D 48 -1.49 -25.64 -9.12
CA LEU D 48 -1.74 -26.16 -10.45
C LEU D 48 -3.01 -25.58 -11.07
N ILE D 49 -4.07 -25.33 -10.29
CA ILE D 49 -5.26 -24.70 -10.83
C ILE D 49 -4.95 -23.24 -11.20
N SER D 50 -4.08 -22.57 -10.41
CA SER D 50 -3.81 -21.14 -10.53
C SER D 50 -3.02 -20.72 -11.78
N TYR D 51 -2.12 -21.59 -12.30
CA TYR D 51 -1.17 -21.21 -13.35
C TYR D 51 -1.26 -22.15 -14.54
N PRO D 52 -0.99 -21.66 -15.77
CA PRO D 52 -0.82 -22.52 -16.93
C PRO D 52 0.32 -23.52 -16.74
N MET D 53 0.30 -24.62 -17.50
CA MET D 53 1.29 -25.67 -17.29
C MET D 53 2.71 -25.19 -17.61
N HIS D 54 2.87 -24.29 -18.59
CA HIS D 54 4.20 -23.84 -18.97
C HIS D 54 4.93 -23.11 -17.83
N ARG D 55 4.19 -22.40 -16.97
CA ARG D 55 4.77 -21.74 -15.81
C ARG D 55 5.38 -22.74 -14.85
N ILE D 56 4.70 -23.87 -14.67
CA ILE D 56 5.17 -24.86 -13.73
C ILE D 56 6.49 -25.50 -14.19
N ARG D 57 6.69 -25.65 -15.50
CA ARG D 57 7.99 -26.07 -16.00
C ARG D 57 9.10 -25.04 -15.70
N THR D 58 8.78 -23.74 -15.58
CA THR D 58 9.77 -22.77 -15.11
C THR D 58 10.19 -22.99 -13.65
N LEU D 59 9.35 -23.65 -12.86
CA LEU D 59 9.61 -23.82 -11.44
C LEU D 59 10.99 -24.43 -11.16
N PRO D 60 11.43 -25.49 -11.86
CA PRO D 60 12.83 -25.92 -11.76
C PRO D 60 13.86 -24.80 -11.87
N ALA D 61 13.71 -23.93 -12.88
CA ALA D 61 14.67 -22.86 -13.10
C ALA D 61 14.61 -21.82 -12.00
N GLY D 62 13.43 -21.63 -11.39
CA GLY D 62 13.28 -20.74 -10.25
C GLY D 62 14.19 -21.07 -9.07
N ILE D 63 14.23 -22.36 -8.70
CA ILE D 63 15.09 -22.79 -7.61
C ILE D 63 16.57 -22.61 -7.98
N LYS D 64 16.94 -22.86 -9.24
CA LYS D 64 18.31 -22.69 -9.66
C LYS D 64 18.76 -21.23 -9.54
N LEU D 65 17.89 -20.26 -9.82
CA LEU D 65 18.23 -18.85 -9.64
C LEU D 65 18.37 -18.49 -8.17
N ALA D 66 17.53 -19.05 -7.29
CA ALA D 66 17.59 -18.71 -5.88
C ALA D 66 18.86 -19.27 -5.21
N PHE D 67 19.12 -20.57 -5.35
CA PHE D 67 20.16 -21.22 -4.57
C PHE D 67 21.57 -21.15 -5.16
N LYS D 68 21.73 -20.85 -6.46
CA LYS D 68 23.01 -20.68 -7.09
C LYS D 68 23.96 -19.84 -6.23
N PRO D 69 25.27 -20.16 -6.18
CA PRO D 69 26.24 -19.30 -5.51
C PRO D 69 26.41 -18.00 -6.28
N ASN D 70 26.95 -16.97 -5.60
CA ASN D 70 27.24 -15.69 -6.23
C ASN D 70 28.58 -15.76 -6.99
N ARG D 71 28.49 -15.98 -8.30
CA ARG D 71 29.67 -16.05 -9.16
C ARG D 71 30.47 -14.75 -9.08
N SER D 72 29.78 -13.59 -9.01
CA SER D 72 30.44 -12.30 -8.83
C SER D 72 31.56 -12.10 -9.86
N GLU D 73 31.15 -11.97 -11.12
CA GLU D 73 32.07 -11.69 -12.23
C GLU D 73 31.90 -10.25 -12.70
N VAL D 74 31.14 -9.42 -11.98
CA VAL D 74 30.82 -8.08 -12.47
C VAL D 74 32.12 -7.31 -12.70
N ASN D 75 33.08 -7.42 -11.79
CA ASN D 75 34.28 -6.61 -11.85
C ASN D 75 35.03 -6.86 -13.16
N GLU D 76 35.06 -8.13 -13.60
CA GLU D 76 35.78 -8.47 -14.82
C GLU D 76 35.23 -7.67 -16.01
N TRP D 77 33.90 -7.58 -16.12
CA TRP D 77 33.27 -6.92 -17.23
C TRP D 77 33.50 -5.41 -17.21
N LEU D 78 33.51 -4.82 -16.02
CA LEU D 78 33.72 -3.38 -15.90
C LEU D 78 35.06 -3.02 -16.53
N GLU D 79 36.06 -3.89 -16.36
CA GLU D 79 37.35 -3.65 -16.99
C GLU D 79 37.19 -3.69 -18.50
N ASP D 80 36.57 -4.75 -19.02
CA ASP D 80 36.47 -4.96 -20.46
C ASP D 80 35.83 -3.76 -21.15
N ILE D 81 34.72 -3.24 -20.60
CA ILE D 81 34.05 -2.09 -21.20
C ILE D 81 34.97 -0.86 -21.22
N VAL D 82 35.75 -0.69 -20.15
CA VAL D 82 36.77 0.34 -20.13
C VAL D 82 37.78 0.09 -21.26
N GLU D 83 38.22 -1.15 -21.41
CA GLU D 83 39.22 -1.49 -22.42
C GLU D 83 38.65 -1.28 -23.81
N MET D 84 37.40 -1.69 -24.06
CA MET D 84 36.72 -1.42 -25.31
C MET D 84 36.68 0.08 -25.59
N SER D 85 36.44 0.89 -24.56
CA SER D 85 36.49 2.35 -24.70
C SER D 85 37.80 2.80 -25.34
N MET D 86 38.93 2.34 -24.79
CA MET D 86 40.24 2.70 -25.30
C MET D 86 40.45 2.22 -26.75
N VAL D 87 40.02 0.98 -27.05
CA VAL D 87 40.12 0.44 -28.41
C VAL D 87 39.27 1.28 -29.36
N ALA D 88 38.03 1.61 -28.98
CA ALA D 88 37.14 2.38 -29.84
C ALA D 88 37.74 3.74 -30.19
N ARG D 89 38.40 4.37 -29.19
CA ARG D 89 38.98 5.70 -29.32
C ARG D 89 40.12 5.73 -30.33
N ARG D 90 41.08 4.80 -30.26
CA ARG D 90 42.20 4.82 -31.18
C ARG D 90 41.81 4.22 -32.53
N GLU D 91 41.17 3.04 -32.51
CA GLU D 91 41.14 2.15 -33.67
C GLU D 91 39.93 2.44 -34.56
N GLY D 92 38.85 3.00 -33.99
CA GLY D 92 37.59 3.13 -34.69
C GLY D 92 36.71 1.90 -34.51
N VAL D 93 35.42 2.05 -34.84
CA VAL D 93 34.37 1.13 -34.39
C VAL D 93 34.56 -0.28 -34.96
N LEU D 94 35.24 -0.42 -36.10
CA LEU D 94 35.42 -1.74 -36.70
C LEU D 94 36.19 -2.68 -35.75
N ALA D 95 37.12 -2.12 -34.98
CA ALA D 95 37.91 -2.89 -34.02
C ALA D 95 37.04 -3.44 -32.90
N LEU D 96 35.93 -2.76 -32.54
CA LEU D 96 35.02 -3.25 -31.53
C LEU D 96 34.42 -4.59 -31.94
N GLU D 97 34.10 -4.79 -33.24
CA GLU D 97 33.61 -6.07 -33.70
C GLU D 97 34.62 -7.17 -33.39
N GLN D 98 35.90 -6.94 -33.76
CA GLN D 98 36.91 -7.99 -33.65
C GLN D 98 37.24 -8.28 -32.17
N LYS D 99 37.20 -7.25 -31.32
CA LYS D 99 37.36 -7.40 -29.87
C LYS D 99 36.22 -8.21 -29.25
N VAL D 100 34.96 -7.98 -29.66
CA VAL D 100 33.82 -8.56 -28.98
C VAL D 100 33.47 -10.00 -29.39
N LEU D 101 33.90 -10.50 -30.57
CA LEU D 101 33.35 -11.72 -31.18
C LEU D 101 33.17 -12.88 -30.21
N ASP D 102 34.12 -13.04 -29.28
CA ASP D 102 34.17 -14.21 -28.43
C ASP D 102 34.14 -13.76 -26.96
N HIS D 103 33.10 -12.98 -26.60
CA HIS D 103 32.90 -12.56 -25.23
C HIS D 103 31.82 -13.43 -24.60
N PRO D 104 32.05 -13.97 -23.38
CA PRO D 104 31.09 -14.83 -22.73
C PRO D 104 29.79 -14.19 -22.27
N ASN D 105 29.62 -12.87 -22.44
CA ASN D 105 28.36 -12.23 -22.08
C ASN D 105 27.58 -11.83 -23.33
N ILE D 106 26.40 -12.44 -23.53
CA ILE D 106 25.64 -12.24 -24.75
C ILE D 106 25.09 -10.82 -24.79
N PHE D 107 24.58 -10.30 -23.67
CA PHE D 107 23.94 -8.99 -23.65
C PHE D 107 24.93 -7.89 -24.05
N LEU D 108 26.17 -7.99 -23.55
CA LEU D 108 27.23 -7.08 -23.95
C LEU D 108 27.54 -7.24 -25.44
N ARG D 109 27.65 -8.48 -25.92
CA ARG D 109 28.00 -8.75 -27.32
C ARG D 109 26.96 -8.14 -28.26
N GLU D 110 25.68 -8.30 -27.96
CA GLU D 110 24.62 -7.72 -28.77
C GLU D 110 24.62 -6.19 -28.70
N GLY D 111 24.88 -5.61 -27.53
CA GLY D 111 24.96 -4.16 -27.40
C GLY D 111 26.05 -3.55 -28.28
N ILE D 112 27.24 -4.14 -28.27
CA ILE D 112 28.33 -3.68 -29.09
C ILE D 112 28.00 -3.89 -30.57
N GLN D 113 27.34 -5.00 -30.92
CA GLN D 113 26.96 -5.28 -32.30
C GLN D 113 26.04 -4.16 -32.83
N LEU D 114 25.12 -3.65 -32.01
CA LEU D 114 24.27 -2.53 -32.39
C LEU D 114 25.06 -1.24 -32.58
N VAL D 115 26.12 -1.01 -31.79
CA VAL D 115 26.92 0.20 -31.91
C VAL D 115 27.82 0.14 -33.15
N VAL D 116 28.40 -1.03 -33.47
CA VAL D 116 29.24 -1.14 -34.66
C VAL D 116 28.38 -1.07 -35.93
N ASP D 117 27.15 -1.59 -35.93
CA ASP D 117 26.21 -1.36 -37.03
C ASP D 117 25.73 0.11 -37.13
N GLY D 118 26.15 0.98 -36.21
CA GLY D 118 26.02 2.41 -36.37
C GLY D 118 24.64 2.94 -36.01
N THR D 119 23.82 2.15 -35.29
CA THR D 119 22.48 2.55 -34.91
C THR D 119 22.49 3.80 -34.01
N ASP D 120 21.46 4.64 -34.12
CA ASP D 120 21.45 5.90 -33.39
C ASP D 120 21.09 5.67 -31.92
N GLN D 121 21.57 6.57 -31.05
CA GLN D 121 21.63 6.34 -29.62
C GLN D 121 20.27 6.01 -28.99
N PRO D 122 19.15 6.70 -29.29
CA PRO D 122 17.83 6.31 -28.80
C PRO D 122 17.39 4.91 -29.19
N ILE D 123 17.80 4.41 -30.37
CA ILE D 123 17.42 3.07 -30.80
C ILE D 123 18.17 2.00 -30.01
N VAL D 124 19.49 2.15 -29.82
CA VAL D 124 20.24 1.17 -29.05
C VAL D 124 19.77 1.19 -27.59
N ARG D 125 19.48 2.35 -27.01
CA ARG D 125 18.85 2.41 -25.70
C ARG D 125 17.52 1.64 -25.68
N GLN D 126 16.66 1.83 -26.69
CA GLN D 126 15.35 1.23 -26.68
C GLN D 126 15.44 -0.31 -26.72
N ILE D 127 16.25 -0.85 -27.63
CA ILE D 127 16.32 -2.29 -27.78
C ILE D 127 16.90 -2.94 -26.51
N MET D 128 17.96 -2.34 -25.93
CA MET D 128 18.60 -2.92 -24.76
C MET D 128 17.70 -2.81 -23.53
N GLU D 129 16.94 -1.72 -23.38
CA GLU D 129 16.01 -1.64 -22.27
C GLU D 129 14.89 -2.68 -22.42
N LEU D 130 14.46 -3.02 -23.65
CA LEU D 130 13.47 -4.09 -23.81
C LEU D 130 14.00 -5.46 -23.36
N ASP D 131 15.29 -5.74 -23.54
CA ASP D 131 15.88 -6.95 -23.01
C ASP D 131 15.91 -6.96 -21.47
N ILE D 132 16.22 -5.82 -20.86
CA ILE D 132 16.22 -5.72 -19.41
C ILE D 132 14.81 -5.91 -18.89
N ASP D 133 13.80 -5.29 -19.51
CA ASP D 133 12.43 -5.45 -19.08
C ASP D 133 11.96 -6.89 -19.20
N ALA D 134 12.39 -7.59 -20.24
CA ALA D 134 12.04 -9.00 -20.39
C ALA D 134 12.63 -9.86 -19.29
N LYS D 135 13.87 -9.60 -18.86
CA LYS D 135 14.46 -10.36 -17.79
C LYS D 135 13.82 -10.01 -16.44
N GLU D 136 13.44 -8.76 -16.20
CA GLU D 136 12.72 -8.42 -14.99
C GLU D 136 11.41 -9.22 -14.89
N GLN D 137 10.67 -9.29 -15.99
CA GLN D 137 9.37 -9.96 -16.01
C GLN D 137 9.51 -11.47 -15.80
N GLU D 138 10.57 -12.05 -16.37
CA GLU D 138 10.80 -13.49 -16.26
C GLU D 138 11.06 -13.88 -14.81
N HIS D 139 11.93 -13.12 -14.12
CA HIS D 139 12.25 -13.42 -12.74
C HIS D 139 11.08 -13.18 -11.80
N ASP D 140 10.26 -12.16 -12.06
CA ASP D 140 9.08 -11.93 -11.27
C ASP D 140 8.13 -13.12 -11.39
N ASN D 141 7.99 -13.70 -12.56
CA ASN D 141 7.07 -14.82 -12.76
C ASN D 141 7.49 -16.05 -11.95
N TYR D 142 8.80 -16.29 -11.78
CA TYR D 142 9.29 -17.39 -10.94
C TYR D 142 8.92 -17.13 -9.48
N ALA D 143 9.20 -15.92 -9.02
CA ALA D 143 8.91 -15.58 -7.63
C ALA D 143 7.43 -15.72 -7.31
N LYS D 144 6.54 -15.29 -8.20
CA LYS D 144 5.12 -15.34 -7.96
C LYS D 144 4.60 -16.77 -7.73
N LEU D 145 5.21 -17.79 -8.31
CA LEU D 145 4.77 -19.15 -8.00
C LEU D 145 5.01 -19.45 -6.53
N PHE D 146 6.17 -19.09 -5.98
CA PHE D 146 6.44 -19.36 -4.58
C PHE D 146 5.64 -18.47 -3.65
N GLU D 147 5.39 -17.22 -4.01
CA GLU D 147 4.55 -16.38 -3.17
C GLU D 147 3.14 -16.95 -3.07
N SER D 148 2.57 -17.44 -4.18
CA SER D 148 1.22 -17.99 -4.19
C SER D 148 1.14 -19.35 -3.48
N ALA D 149 2.16 -20.18 -3.55
CA ALA D 149 2.24 -21.39 -2.73
C ALA D 149 2.24 -21.08 -1.24
N GLY D 150 2.92 -20.02 -0.85
CA GLY D 150 2.95 -19.58 0.53
C GLY D 150 1.63 -18.99 1.01
N SER D 151 0.73 -18.54 0.14
CA SER D 151 -0.53 -17.99 0.58
C SER D 151 -1.60 -19.05 0.67
N TYR D 152 -1.51 -20.15 -0.10
CA TYR D 152 -2.49 -21.22 0.03
C TYR D 152 -2.14 -22.14 1.20
N ALA D 153 -0.85 -22.31 1.52
CA ALA D 153 -0.45 -23.33 2.46
C ALA D 153 -1.11 -23.16 3.83
N PRO D 154 -1.14 -21.97 4.46
CA PRO D 154 -1.81 -21.86 5.77
C PRO D 154 -3.29 -22.20 5.73
N THR D 155 -4.00 -21.80 4.68
CA THR D 155 -5.42 -22.12 4.60
C THR D 155 -5.66 -23.61 4.42
N MET D 156 -4.77 -24.32 3.73
CA MET D 156 -4.86 -25.76 3.64
C MET D 156 -4.65 -26.40 5.01
N GLY D 157 -3.79 -25.81 5.84
CA GLY D 157 -3.68 -26.24 7.23
C GLY D 157 -5.02 -26.18 7.98
N ILE D 158 -5.78 -25.10 7.76
CA ILE D 158 -7.08 -24.94 8.39
C ILE D 158 -8.06 -25.98 7.89
N ILE D 159 -8.08 -26.25 6.59
CA ILE D 159 -8.92 -27.33 6.07
C ILE D 159 -8.55 -28.65 6.75
N GLY D 160 -7.25 -28.92 6.90
CA GLY D 160 -6.78 -30.12 7.57
C GLY D 160 -7.33 -30.26 8.99
N THR D 161 -7.23 -29.17 9.78
CA THR D 161 -7.63 -29.25 11.19
C THR D 161 -9.14 -29.43 11.32
N VAL D 162 -9.90 -28.70 10.51
CA VAL D 162 -11.35 -28.82 10.58
C VAL D 162 -11.77 -30.22 10.15
N MET D 163 -11.08 -30.87 9.22
CA MET D 163 -11.40 -32.24 8.87
C MET D 163 -11.12 -33.18 10.05
N GLY D 164 -10.00 -32.94 10.75
CA GLY D 164 -9.68 -33.70 11.96
C GLY D 164 -10.75 -33.56 13.05
N LEU D 165 -11.18 -32.31 13.27
CA LEU D 165 -12.14 -32.04 14.33
C LEU D 165 -13.51 -32.61 13.97
N ILE D 166 -13.89 -32.71 12.70
CA ILE D 166 -15.14 -33.33 12.33
C ILE D 166 -15.15 -34.80 12.71
N GLN D 167 -14.05 -35.50 12.51
CA GLN D 167 -14.00 -36.90 12.93
C GLN D 167 -14.14 -37.03 14.47
N VAL D 168 -13.49 -36.15 15.23
CA VAL D 168 -13.56 -36.16 16.69
C VAL D 168 -14.98 -35.91 17.21
N LEU D 169 -15.78 -35.09 16.53
CA LEU D 169 -17.14 -34.84 16.93
C LEU D 169 -17.99 -36.11 16.91
N GLY D 170 -17.45 -37.21 16.37
CA GLY D 170 -18.11 -38.50 16.48
C GLY D 170 -17.75 -39.30 17.74
N HIS D 171 -16.77 -38.83 18.54
CA HIS D 171 -16.29 -39.55 19.71
C HIS D 171 -16.30 -38.66 20.95
N LEU D 172 -17.19 -37.65 20.97
CA LEU D 172 -17.27 -36.73 22.10
C LEU D 172 -17.71 -37.43 23.38
N THR D 173 -18.35 -38.59 23.24
CA THR D 173 -18.89 -39.35 24.36
C THR D 173 -17.79 -39.82 25.30
N ASP D 174 -16.61 -40.19 24.79
CA ASP D 174 -15.47 -40.55 25.63
C ASP D 174 -14.69 -39.29 26.01
N PRO D 175 -14.78 -38.79 27.25
CA PRO D 175 -14.10 -37.56 27.65
C PRO D 175 -12.59 -37.68 27.87
N SER D 176 -12.07 -38.91 28.00
CA SER D 176 -10.67 -39.09 28.37
C SER D 176 -9.72 -38.77 27.20
N GLN D 177 -10.08 -39.22 25.99
CA GLN D 177 -9.20 -39.13 24.83
C GLN D 177 -9.52 -37.93 23.95
N LEU D 178 -10.56 -37.14 24.26
CA LEU D 178 -10.90 -36.00 23.42
C LEU D 178 -9.71 -35.06 23.34
N GLY D 179 -9.01 -34.87 24.47
CA GLY D 179 -7.86 -33.99 24.54
C GLY D 179 -6.72 -34.41 23.62
N PRO D 180 -6.21 -35.66 23.74
CA PRO D 180 -5.17 -36.14 22.82
C PRO D 180 -5.60 -36.11 21.35
N SER D 181 -6.88 -36.39 21.09
CA SER D 181 -7.41 -36.36 19.73
C SER D 181 -7.30 -34.97 19.10
N ILE D 182 -7.61 -33.92 19.88
CA ILE D 182 -7.57 -32.58 19.33
C ILE D 182 -6.13 -32.21 18.97
N ALA D 183 -5.16 -32.65 19.77
CA ALA D 183 -3.76 -32.31 19.51
C ALA D 183 -3.30 -32.79 18.13
N VAL D 184 -3.64 -34.04 17.80
CA VAL D 184 -3.24 -34.59 16.52
C VAL D 184 -3.84 -33.78 15.37
N ALA D 185 -5.09 -33.31 15.56
CA ALA D 185 -5.75 -32.51 14.56
C ALA D 185 -4.99 -31.21 14.28
N PHE D 186 -4.44 -30.59 15.32
CA PHE D 186 -3.74 -29.33 15.16
C PHE D 186 -2.46 -29.46 14.35
N ILE D 187 -1.89 -30.67 14.21
CA ILE D 187 -0.63 -30.83 13.48
C ILE D 187 -0.67 -30.18 12.10
N ALA D 188 -1.81 -30.27 11.40
CA ALA D 188 -1.88 -29.73 10.06
C ALA D 188 -1.62 -28.23 10.03
N THR D 189 -2.14 -27.49 11.03
CA THR D 189 -1.96 -26.05 11.05
C THR D 189 -0.50 -25.74 11.29
N LEU D 190 0.18 -26.51 12.14
CA LEU D 190 1.61 -26.35 12.33
C LEU D 190 2.37 -26.50 11.03
N TYR D 191 1.98 -27.45 10.15
CA TYR D 191 2.58 -27.60 8.83
C TYR D 191 2.24 -26.44 7.91
N GLY D 192 0.96 -26.11 7.82
CA GLY D 192 0.56 -25.01 6.98
C GLY D 192 1.34 -23.72 7.25
N VAL D 193 1.41 -23.32 8.50
CA VAL D 193 2.07 -22.09 8.85
C VAL D 193 3.56 -22.26 8.74
N ALA D 194 4.10 -23.40 9.16
CA ALA D 194 5.55 -23.54 9.18
C ALA D 194 6.12 -23.67 7.78
N SER D 195 5.48 -24.39 6.87
CA SER D 195 5.96 -24.51 5.52
C SER D 195 5.88 -23.20 4.78
N ALA D 196 4.79 -22.47 4.93
CA ALA D 196 4.65 -21.17 4.29
C ALA D 196 5.78 -20.26 4.72
N ASN D 197 5.98 -20.10 6.01
CA ASN D 197 6.87 -19.08 6.55
C ASN D 197 8.31 -19.50 6.40
N LEU D 198 8.72 -20.73 6.70
CA LEU D 198 10.12 -21.10 6.49
C LEU D 198 10.47 -21.43 5.03
N ILE D 199 9.76 -22.34 4.38
CA ILE D 199 10.17 -22.79 3.04
C ILE D 199 9.69 -21.86 1.91
N PHE D 200 8.39 -21.59 1.83
CA PHE D 200 7.86 -21.00 0.60
C PHE D 200 8.17 -19.50 0.51
N LEU D 201 7.97 -18.71 1.55
CA LEU D 201 8.13 -17.30 1.37
C LEU D 201 9.61 -16.95 1.36
N PRO D 202 10.50 -17.55 2.17
CA PRO D 202 11.93 -17.40 1.93
C PRO D 202 12.47 -17.74 0.55
N ILE D 203 11.99 -18.79 -0.10
CA ILE D 203 12.45 -19.03 -1.45
C ILE D 203 11.99 -17.92 -2.38
N ALA D 204 10.79 -17.40 -2.21
CA ALA D 204 10.34 -16.28 -3.03
C ALA D 204 11.21 -15.05 -2.81
N SER D 205 11.47 -14.69 -1.55
CA SER D 205 12.27 -13.54 -1.20
C SER D 205 13.70 -13.64 -1.71
N LYS D 206 14.29 -14.84 -1.70
CA LYS D 206 15.63 -15.00 -2.21
C LYS D 206 15.71 -14.89 -3.73
N ILE D 207 14.66 -15.36 -4.42
CA ILE D 207 14.57 -15.14 -5.85
C ILE D 207 14.56 -13.64 -6.16
N ARG D 208 13.78 -12.85 -5.43
CA ARG D 208 13.69 -11.43 -5.73
C ARG D 208 14.98 -10.70 -5.40
N ALA D 209 15.68 -11.11 -4.35
CA ALA D 209 16.96 -10.51 -4.02
C ALA D 209 18.00 -10.76 -5.12
N LYS D 210 18.13 -12.01 -5.57
CA LYS D 210 19.13 -12.33 -6.58
C LYS D 210 18.78 -11.76 -7.96
N SER D 211 17.50 -11.65 -8.27
CA SER D 211 17.09 -10.95 -9.48
C SER D 211 17.59 -9.50 -9.48
N ALA D 212 17.46 -8.78 -8.37
CA ALA D 212 17.87 -7.39 -8.31
C ALA D 212 19.37 -7.24 -8.54
N GLU D 213 20.19 -8.17 -8.03
CA GLU D 213 21.63 -8.13 -8.26
C GLU D 213 21.96 -8.27 -9.74
N GLU D 214 21.26 -9.18 -10.44
CA GLU D 214 21.53 -9.46 -11.82
C GLU D 214 21.06 -8.31 -12.72
N ILE D 215 19.93 -7.70 -12.40
CA ILE D 215 19.44 -6.55 -13.16
C ILE D 215 20.40 -5.38 -13.03
N LEU D 216 21.03 -5.15 -11.88
CA LEU D 216 22.02 -4.09 -11.82
C LEU D 216 23.15 -4.34 -12.81
N VAL D 217 23.66 -5.56 -12.87
CA VAL D 217 24.75 -5.86 -13.78
C VAL D 217 24.33 -5.60 -15.23
N MET D 218 23.10 -5.93 -15.58
CA MET D 218 22.62 -5.64 -16.92
C MET D 218 22.58 -4.12 -17.16
N GLU D 219 22.13 -3.33 -16.18
CA GLU D 219 22.04 -1.90 -16.35
C GLU D 219 23.43 -1.29 -16.49
N MET D 220 24.45 -1.83 -15.82
CA MET D 220 25.81 -1.36 -16.01
C MET D 220 26.27 -1.58 -17.45
N ILE D 221 25.97 -2.75 -18.02
CA ILE D 221 26.32 -3.01 -19.41
C ILE D 221 25.59 -2.03 -20.32
N LEU D 222 24.41 -1.58 -19.92
CA LEU D 222 23.73 -0.58 -20.72
C LEU D 222 24.45 0.76 -20.67
N GLU D 223 24.81 1.26 -19.49
CA GLU D 223 25.56 2.50 -19.40
C GLU D 223 26.95 2.38 -20.00
N GLY D 224 27.56 1.20 -19.93
CA GLY D 224 28.82 0.92 -20.61
C GLY D 224 28.75 1.06 -22.13
N VAL D 225 27.74 0.47 -22.78
CA VAL D 225 27.69 0.53 -24.23
C VAL D 225 27.26 1.92 -24.68
N LEU D 226 26.39 2.60 -23.96
CA LEU D 226 26.05 3.96 -24.36
C LEU D 226 27.25 4.90 -24.16
N SER D 227 28.03 4.69 -23.11
CA SER D 227 29.23 5.50 -22.85
C SER D 227 30.29 5.32 -23.94
N VAL D 228 30.53 4.09 -24.41
CA VAL D 228 31.50 3.89 -25.49
C VAL D 228 30.98 4.48 -26.81
N GLN D 229 29.65 4.50 -27.04
CA GLN D 229 29.13 5.12 -28.25
C GLN D 229 29.30 6.64 -28.22
N ASN D 230 29.07 7.26 -27.05
CA ASN D 230 29.29 8.70 -26.84
C ASN D 230 30.77 9.08 -26.99
N GLY D 231 31.68 8.17 -26.61
CA GLY D 231 33.09 8.41 -26.76
C GLY D 231 33.66 9.16 -25.55
N ASP D 232 33.18 8.78 -24.36
CA ASP D 232 33.72 9.27 -23.11
C ASP D 232 35.18 8.79 -22.93
N ASN D 233 35.94 9.53 -22.12
CA ASN D 233 37.30 9.14 -21.77
C ASN D 233 37.25 8.03 -20.70
N ALA D 234 38.35 7.26 -20.60
CA ALA D 234 38.43 6.09 -19.74
C ALA D 234 38.14 6.41 -18.27
N LEU D 235 38.60 7.56 -17.78
CA LEU D 235 38.42 7.93 -16.38
C LEU D 235 36.92 8.18 -16.09
N LEU D 236 36.24 8.83 -17.03
CA LEU D 236 34.82 9.14 -16.88
C LEU D 236 33.99 7.86 -17.02
N VAL D 237 34.38 6.96 -17.94
CA VAL D 237 33.72 5.66 -18.08
C VAL D 237 33.82 4.88 -16.75
N ARG D 238 35.02 4.79 -16.20
CA ARG D 238 35.23 4.06 -14.96
C ARG D 238 34.36 4.65 -13.83
N LYS D 239 34.26 5.98 -13.76
CA LYS D 239 33.52 6.64 -12.69
C LYS D 239 32.04 6.34 -12.79
N LYS D 240 31.43 6.41 -14.00
CA LYS D 240 30.01 6.08 -14.18
C LYS D 240 29.73 4.62 -13.78
N LEU D 241 30.53 3.68 -14.30
CA LEU D 241 30.26 2.27 -14.08
C LEU D 241 30.46 1.92 -12.62
N ASN D 242 31.43 2.55 -11.96
CA ASN D 242 31.69 2.29 -10.55
C ASN D 242 30.45 2.57 -9.69
N THR D 243 29.56 3.49 -10.06
CA THR D 243 28.37 3.75 -9.26
C THR D 243 27.53 2.49 -9.07
N TYR D 244 27.64 1.51 -9.98
CA TYR D 244 26.79 0.33 -9.91
C TYR D 244 27.37 -0.73 -8.97
N ILE D 245 28.67 -1.03 -9.09
CA ILE D 245 29.31 -2.04 -8.25
C ILE D 245 29.32 -1.53 -6.82
N THR D 246 29.10 -2.41 -5.83
CA THR D 246 29.07 -2.05 -4.42
C THR D 246 30.47 -2.11 -3.77
N MET E 1 -10.63 -29.91 -19.81
CA MET E 1 -10.62 -28.61 -20.56
C MET E 1 -9.18 -28.13 -20.76
N ASP E 2 -8.40 -27.97 -19.67
CA ASP E 2 -7.00 -27.60 -19.73
C ASP E 2 -6.17 -28.46 -18.78
N ILE E 3 -4.92 -28.80 -19.14
CA ILE E 3 -4.18 -29.87 -18.51
C ILE E 3 -3.75 -29.51 -17.09
N ALA E 4 -3.27 -28.28 -16.83
CA ALA E 4 -2.79 -27.96 -15.50
C ALA E 4 -3.96 -27.90 -14.50
N THR E 5 -5.13 -27.41 -14.96
CA THR E 5 -6.32 -27.39 -14.14
C THR E 5 -6.82 -28.81 -13.87
N LEU E 6 -6.77 -29.68 -14.86
CA LEU E 6 -7.23 -31.05 -14.71
C LEU E 6 -6.38 -31.81 -13.69
N ILE E 7 -5.05 -31.70 -13.78
CA ILE E 7 -4.17 -32.34 -12.81
C ILE E 7 -4.33 -31.71 -11.43
N GLY E 8 -4.55 -30.39 -11.36
CA GLY E 8 -4.82 -29.74 -10.09
C GLY E 8 -6.08 -30.24 -9.39
N LEU E 9 -7.17 -30.44 -10.13
CA LEU E 9 -8.41 -30.95 -9.57
C LEU E 9 -8.27 -32.42 -9.12
N ILE E 10 -7.53 -33.22 -9.87
CA ILE E 10 -7.26 -34.59 -9.47
C ILE E 10 -6.43 -34.62 -8.18
N ALA E 11 -5.37 -33.82 -8.09
CA ALA E 11 -4.53 -33.78 -6.91
C ALA E 11 -5.28 -33.25 -5.71
N GLY E 12 -6.15 -32.26 -5.90
CA GLY E 12 -6.92 -31.66 -4.82
C GLY E 12 -7.92 -32.63 -4.23
N ALA E 13 -8.67 -33.32 -5.09
CA ALA E 13 -9.62 -34.32 -4.66
C ALA E 13 -8.92 -35.47 -3.91
N VAL E 14 -7.82 -35.99 -4.46
CA VAL E 14 -7.08 -37.07 -3.82
C VAL E 14 -6.52 -36.63 -2.46
N ALA E 15 -6.03 -35.40 -2.34
CA ALA E 15 -5.42 -34.93 -1.11
C ALA E 15 -6.46 -34.84 0.01
N ILE E 16 -7.57 -34.13 -0.27
CA ILE E 16 -8.54 -33.82 0.76
C ILE E 16 -9.37 -35.07 1.11
N ILE E 17 -9.90 -35.77 0.10
CA ILE E 17 -10.73 -36.94 0.37
C ILE E 17 -9.86 -38.10 0.88
N GLY E 18 -8.71 -38.32 0.26
CA GLY E 18 -7.80 -39.35 0.70
C GLY E 18 -7.29 -39.15 2.11
N GLY E 19 -7.02 -37.89 2.50
CA GLY E 19 -6.64 -37.60 3.87
C GLY E 19 -7.72 -37.95 4.89
N PHE E 20 -8.97 -37.64 4.57
CA PHE E 20 -10.12 -37.92 5.43
C PHE E 20 -10.36 -39.42 5.58
N LEU E 21 -10.29 -40.17 4.47
CA LEU E 21 -10.55 -41.60 4.47
C LEU E 21 -9.39 -42.40 5.07
N TRP E 22 -8.16 -41.89 5.03
CA TRP E 22 -7.03 -42.59 5.62
C TRP E 22 -7.15 -42.63 7.15
N GLU E 23 -7.63 -41.54 7.79
CA GLU E 23 -7.86 -41.51 9.23
C GLU E 23 -9.32 -41.86 9.58
N GLY E 24 -10.00 -42.64 8.73
CA GLY E 24 -11.19 -43.40 9.10
C GLY E 24 -12.52 -42.67 8.94
N GLY E 25 -12.56 -41.61 8.13
CA GLY E 25 -13.79 -40.88 7.86
C GLY E 25 -14.79 -41.64 7.00
N GLN E 26 -15.98 -41.04 6.80
CA GLN E 26 -16.91 -41.46 5.76
C GLN E 26 -17.36 -40.25 4.94
N ILE E 27 -17.44 -40.39 3.60
CA ILE E 27 -17.57 -39.22 2.73
C ILE E 27 -18.92 -38.52 2.95
N THR E 28 -19.95 -39.29 3.32
CA THR E 28 -21.26 -38.73 3.67
C THR E 28 -21.20 -37.83 4.91
N GLY E 29 -20.21 -38.03 5.78
CA GLY E 29 -19.99 -37.18 6.96
C GLY E 29 -19.59 -35.74 6.63
N LEU E 30 -18.99 -35.48 5.46
CA LEU E 30 -18.64 -34.13 5.06
C LEU E 30 -19.83 -33.36 4.51
N PHE E 31 -20.87 -34.04 4.01
CA PHE E 31 -22.03 -33.34 3.45
C PHE E 31 -23.00 -32.89 4.54
N GLN E 32 -23.38 -31.59 4.53
CA GLN E 32 -24.47 -31.13 5.37
C GLN E 32 -25.32 -30.09 4.63
N GLY E 33 -26.65 -30.25 4.67
CA GLY E 33 -27.55 -29.43 3.87
C GLY E 33 -27.51 -27.94 4.21
N THR E 34 -27.66 -27.61 5.49
CA THR E 34 -27.77 -26.22 5.89
C THR E 34 -26.44 -25.49 5.69
N ALA E 35 -25.32 -26.17 5.91
CA ALA E 35 -24.00 -25.60 5.68
C ALA E 35 -23.77 -25.28 4.21
N ALA E 36 -24.20 -26.18 3.32
CA ALA E 36 -24.13 -25.97 1.88
C ALA E 36 -24.98 -24.77 1.49
N LEU E 37 -26.19 -24.66 2.01
CA LEU E 37 -27.08 -23.58 1.65
C LEU E 37 -26.58 -22.22 2.14
N ILE E 38 -25.95 -22.16 3.31
CA ILE E 38 -25.43 -20.90 3.80
C ILE E 38 -24.21 -20.46 2.98
N VAL E 39 -23.26 -21.36 2.71
CA VAL E 39 -22.01 -20.96 2.07
C VAL E 39 -22.21 -20.77 0.58
N PHE E 40 -22.80 -21.75 -0.10
CA PHE E 40 -22.93 -21.66 -1.54
C PHE E 40 -24.10 -20.73 -1.89
N GLY E 41 -25.24 -20.91 -1.21
CA GLY E 41 -26.39 -20.05 -1.47
C GLY E 41 -26.09 -18.59 -1.13
N GLY E 42 -25.39 -18.36 -0.03
CA GLY E 42 -25.02 -17.02 0.37
C GLY E 42 -24.00 -16.38 -0.58
N THR E 43 -23.04 -17.14 -1.10
CA THR E 43 -22.09 -16.61 -2.06
C THR E 43 -22.79 -16.19 -3.34
N ILE E 44 -23.69 -17.05 -3.85
CA ILE E 44 -24.43 -16.76 -5.06
C ILE E 44 -25.28 -15.49 -4.87
N ALA E 45 -25.95 -15.38 -3.72
CA ALA E 45 -26.76 -14.22 -3.42
C ALA E 45 -25.91 -12.96 -3.37
N ALA E 46 -24.77 -13.00 -2.70
CA ALA E 46 -23.91 -11.83 -2.56
C ALA E 46 -23.38 -11.34 -3.91
N VAL E 47 -23.04 -12.25 -4.83
CA VAL E 47 -22.60 -11.86 -6.16
C VAL E 47 -23.76 -11.22 -6.94
N LEU E 48 -24.95 -11.83 -6.91
CA LEU E 48 -26.08 -11.29 -7.65
C LEU E 48 -26.51 -9.92 -7.14
N ILE E 49 -26.43 -9.66 -5.84
CA ILE E 49 -26.73 -8.35 -5.30
C ILE E 49 -25.67 -7.33 -5.74
N SER E 50 -24.39 -7.73 -5.71
CA SER E 50 -23.31 -6.76 -5.81
C SER E 50 -23.03 -6.31 -7.24
N TYR E 51 -23.33 -7.13 -8.26
CA TYR E 51 -23.00 -6.80 -9.65
C TYR E 51 -24.23 -6.72 -10.56
N PRO E 52 -24.27 -5.74 -11.48
CA PRO E 52 -25.34 -5.63 -12.47
C PRO E 52 -25.42 -6.86 -13.36
N MET E 53 -26.59 -7.10 -13.96
CA MET E 53 -26.86 -8.42 -14.53
C MET E 53 -25.99 -8.71 -15.77
N HIS E 54 -25.64 -7.69 -16.55
CA HIS E 54 -24.80 -7.91 -17.73
C HIS E 54 -23.41 -8.47 -17.36
N ARG E 55 -22.85 -8.08 -16.20
CA ARG E 55 -21.60 -8.63 -15.72
C ARG E 55 -21.69 -10.13 -15.47
N ILE E 56 -22.82 -10.61 -14.97
CA ILE E 56 -22.99 -12.03 -14.71
C ILE E 56 -22.96 -12.85 -16.02
N ARG E 57 -23.50 -12.29 -17.10
CA ARG E 57 -23.35 -12.90 -18.42
C ARG E 57 -21.89 -12.97 -18.90
N THR E 58 -21.01 -12.06 -18.44
CA THR E 58 -19.59 -12.22 -18.70
C THR E 58 -18.96 -13.41 -17.98
N LEU E 59 -19.54 -13.93 -16.88
CA LEU E 59 -18.94 -15.08 -16.20
C LEU E 59 -18.67 -16.26 -17.15
N PRO E 60 -19.63 -16.69 -18.02
CA PRO E 60 -19.30 -17.65 -19.07
C PRO E 60 -18.07 -17.32 -19.89
N ALA E 61 -17.93 -16.05 -20.32
CA ALA E 61 -16.78 -15.68 -21.12
C ALA E 61 -15.48 -15.75 -20.32
N GLY E 62 -15.55 -15.48 -19.02
CA GLY E 62 -14.39 -15.52 -18.14
C GLY E 62 -13.76 -16.90 -18.04
N ILE E 63 -14.62 -17.92 -17.85
CA ILE E 63 -14.15 -19.29 -17.83
C ILE E 63 -13.56 -19.70 -19.18
N LYS E 64 -14.14 -19.21 -20.29
CA LYS E 64 -13.67 -19.52 -21.62
C LYS E 64 -12.25 -19.01 -21.83
N LEU E 65 -11.90 -17.83 -21.29
CA LEU E 65 -10.53 -17.32 -21.33
C LEU E 65 -9.61 -18.15 -20.43
N ALA E 66 -10.06 -18.47 -19.22
CA ALA E 66 -9.22 -19.09 -18.21
C ALA E 66 -8.69 -20.45 -18.67
N PHE E 67 -9.52 -21.22 -19.38
CA PHE E 67 -9.16 -22.58 -19.79
C PHE E 67 -8.99 -22.69 -21.32
N LYS E 68 -8.57 -21.60 -21.95
CA LYS E 68 -8.19 -21.59 -23.37
C LYS E 68 -6.83 -22.30 -23.54
N PRO E 69 -6.71 -23.31 -24.43
CA PRO E 69 -5.44 -23.97 -24.67
C PRO E 69 -4.37 -23.03 -25.21
N ASN E 70 -3.11 -23.42 -25.10
CA ASN E 70 -1.97 -22.60 -25.50
C ASN E 70 -1.91 -22.41 -27.01
N ARG E 71 -1.83 -21.14 -27.48
CA ARG E 71 -1.81 -20.81 -28.89
C ARG E 71 -0.44 -20.28 -29.35
N SER E 72 0.10 -20.92 -30.39
CA SER E 72 1.47 -20.74 -30.86
C SER E 72 1.60 -19.60 -31.87
N GLU E 73 0.50 -18.87 -32.12
CA GLU E 73 0.36 -18.02 -33.29
C GLU E 73 1.28 -16.81 -33.23
N VAL E 74 1.77 -16.44 -32.04
CA VAL E 74 2.66 -15.31 -31.90
C VAL E 74 3.89 -15.48 -32.78
N ASN E 75 4.41 -16.72 -32.91
CA ASN E 75 5.56 -16.96 -33.77
C ASN E 75 5.21 -16.60 -35.21
N GLU E 76 4.01 -16.98 -35.65
CA GLU E 76 3.62 -16.76 -37.02
C GLU E 76 3.48 -15.26 -37.30
N TRP E 77 2.88 -14.53 -36.36
CA TRP E 77 2.68 -13.09 -36.49
C TRP E 77 4.01 -12.33 -36.48
N LEU E 78 5.01 -12.82 -35.74
CA LEU E 78 6.34 -12.24 -35.83
C LEU E 78 6.88 -12.35 -37.25
N GLU E 79 6.77 -13.52 -37.88
CA GLU E 79 7.24 -13.72 -39.24
C GLU E 79 6.48 -12.81 -40.21
N ASP E 80 5.17 -12.71 -40.04
CA ASP E 80 4.35 -11.85 -40.87
C ASP E 80 4.83 -10.40 -40.77
N ILE E 81 5.03 -9.88 -39.56
CA ILE E 81 5.38 -8.47 -39.39
C ILE E 81 6.77 -8.21 -39.97
N VAL E 82 7.72 -9.14 -39.80
CA VAL E 82 9.04 -8.99 -40.41
C VAL E 82 8.92 -8.95 -41.93
N GLU E 83 8.13 -9.85 -42.53
CA GLU E 83 7.94 -9.88 -43.97
C GLU E 83 7.33 -8.56 -44.47
N MET E 84 6.31 -8.06 -43.77
CA MET E 84 5.68 -6.80 -44.11
C MET E 84 6.69 -5.64 -44.01
N SER E 85 7.57 -5.67 -43.01
CA SER E 85 8.57 -4.61 -42.85
C SER E 85 9.57 -4.65 -44.00
N MET E 86 9.93 -5.85 -44.48
CA MET E 86 10.81 -6.03 -45.62
C MET E 86 10.16 -5.47 -46.90
N VAL E 87 8.87 -5.73 -47.10
CA VAL E 87 8.11 -5.10 -48.19
C VAL E 87 8.10 -3.58 -48.04
N ALA E 88 7.91 -3.05 -46.83
CA ALA E 88 7.87 -1.61 -46.62
C ALA E 88 9.19 -0.93 -47.00
N ARG E 89 10.34 -1.58 -46.78
CA ARG E 89 11.64 -1.07 -47.20
C ARG E 89 11.79 -1.04 -48.73
N ARG E 90 11.40 -2.13 -49.40
CA ARG E 90 11.60 -2.35 -50.82
C ARG E 90 10.56 -1.64 -51.70
N GLU E 91 9.29 -1.55 -51.26
CA GLU E 91 8.12 -1.46 -52.12
C GLU E 91 7.18 -0.32 -51.66
N GLY E 92 6.22 0.05 -52.50
CA GLY E 92 5.20 1.02 -52.12
C GLY E 92 4.28 0.46 -51.02
N VAL E 93 3.70 1.36 -50.22
CA VAL E 93 2.85 0.98 -49.09
C VAL E 93 1.60 0.21 -49.54
N LEU E 94 1.18 0.40 -50.80
CA LEU E 94 0.03 -0.29 -51.34
C LEU E 94 0.20 -1.82 -51.29
N ALA E 95 1.43 -2.31 -51.41
CA ALA E 95 1.72 -3.73 -51.29
C ALA E 95 1.38 -4.24 -49.88
N LEU E 96 1.54 -3.42 -48.84
CA LEU E 96 1.14 -3.79 -47.49
C LEU E 96 -0.38 -3.93 -47.44
N GLU E 97 -1.10 -2.94 -48.01
CA GLU E 97 -2.56 -2.93 -47.97
C GLU E 97 -3.13 -4.21 -48.58
N GLN E 98 -2.63 -4.58 -49.77
CA GLN E 98 -3.14 -5.73 -50.50
C GLN E 98 -2.75 -7.04 -49.80
N LYS E 99 -1.57 -7.09 -49.16
CA LYS E 99 -1.12 -8.27 -48.44
C LYS E 99 -1.94 -8.49 -47.16
N VAL E 100 -2.30 -7.42 -46.45
CA VAL E 100 -2.91 -7.50 -45.13
C VAL E 100 -4.45 -7.45 -45.20
N LEU E 101 -5.01 -7.17 -46.39
CA LEU E 101 -6.44 -7.02 -46.62
C LEU E 101 -7.29 -8.09 -45.95
N ASP E 102 -6.77 -9.34 -45.94
CA ASP E 102 -7.52 -10.49 -45.46
C ASP E 102 -6.79 -11.23 -44.33
N HIS E 103 -5.95 -10.52 -43.57
CA HIS E 103 -5.19 -11.08 -42.46
C HIS E 103 -6.11 -11.40 -41.28
N PRO E 104 -5.94 -12.56 -40.61
CA PRO E 104 -6.83 -12.98 -39.53
C PRO E 104 -6.77 -12.15 -38.25
N ASN E 105 -5.67 -11.40 -38.03
CA ASN E 105 -5.53 -10.61 -36.81
C ASN E 105 -6.04 -9.18 -37.03
N ILE E 106 -7.15 -8.83 -36.37
CA ILE E 106 -7.84 -7.58 -36.61
C ILE E 106 -6.98 -6.40 -36.15
N PHE E 107 -6.33 -6.53 -34.99
CA PHE E 107 -5.55 -5.46 -34.39
C PHE E 107 -4.37 -5.10 -35.30
N LEU E 108 -3.67 -6.11 -35.83
CA LEU E 108 -2.57 -5.89 -36.75
C LEU E 108 -3.06 -5.22 -38.04
N ARG E 109 -4.17 -5.73 -38.59
CA ARG E 109 -4.76 -5.21 -39.82
C ARG E 109 -5.08 -3.72 -39.69
N GLU E 110 -5.71 -3.32 -38.57
CA GLU E 110 -6.08 -1.93 -38.34
C GLU E 110 -4.84 -1.05 -38.19
N GLY E 111 -3.79 -1.53 -37.50
CA GLY E 111 -2.55 -0.79 -37.40
C GLY E 111 -1.93 -0.47 -38.76
N ILE E 112 -1.91 -1.47 -39.64
CA ILE E 112 -1.35 -1.29 -40.97
C ILE E 112 -2.24 -0.33 -41.77
N GLN E 113 -3.56 -0.42 -41.63
CA GLN E 113 -4.47 0.47 -42.35
C GLN E 113 -4.16 1.94 -42.01
N LEU E 114 -3.88 2.22 -40.73
CA LEU E 114 -3.51 3.54 -40.28
C LEU E 114 -2.17 4.01 -40.84
N VAL E 115 -1.20 3.12 -41.04
CA VAL E 115 0.08 3.50 -41.63
C VAL E 115 -0.05 3.72 -43.15
N VAL E 116 -0.90 2.95 -43.84
CA VAL E 116 -1.20 3.15 -45.26
C VAL E 116 -1.88 4.52 -45.48
N ASP E 117 -2.84 4.89 -44.62
CA ASP E 117 -3.47 6.21 -44.66
C ASP E 117 -2.49 7.34 -44.31
N GLY E 118 -1.27 7.02 -43.88
CA GLY E 118 -0.24 8.02 -43.58
C GLY E 118 -0.53 8.85 -42.33
N THR E 119 -1.32 8.29 -41.40
CA THR E 119 -1.70 9.00 -40.19
C THR E 119 -0.49 9.21 -39.28
N ASP E 120 -0.57 10.25 -38.46
CA ASP E 120 0.55 10.75 -37.68
C ASP E 120 0.99 9.74 -36.62
N GLN E 121 2.31 9.53 -36.47
CA GLN E 121 2.85 8.42 -35.70
C GLN E 121 2.40 8.43 -34.23
N PRO E 122 2.39 9.57 -33.50
CA PRO E 122 1.81 9.61 -32.16
C PRO E 122 0.31 9.32 -32.11
N ILE E 123 -0.44 9.66 -33.16
CA ILE E 123 -1.86 9.30 -33.26
C ILE E 123 -2.02 7.79 -33.46
N VAL E 124 -1.18 7.16 -34.30
CA VAL E 124 -1.23 5.71 -34.49
C VAL E 124 -0.97 4.98 -33.17
N ARG E 125 0.06 5.40 -32.43
CA ARG E 125 0.29 4.88 -31.09
C ARG E 125 -0.95 5.08 -30.20
N GLN E 126 -1.53 6.29 -30.21
CA GLN E 126 -2.62 6.61 -29.30
C GLN E 126 -3.83 5.72 -29.57
N ILE E 127 -4.25 5.57 -30.83
CA ILE E 127 -5.46 4.82 -31.11
C ILE E 127 -5.25 3.33 -30.84
N MET E 128 -4.05 2.79 -31.14
CA MET E 128 -3.74 1.40 -30.84
C MET E 128 -3.71 1.14 -29.32
N GLU E 129 -3.11 2.04 -28.56
CA GLU E 129 -3.05 1.90 -27.11
C GLU E 129 -4.45 1.99 -26.50
N LEU E 130 -5.35 2.78 -27.06
CA LEU E 130 -6.73 2.83 -26.57
C LEU E 130 -7.44 1.49 -26.76
N ASP E 131 -7.15 0.74 -27.82
CA ASP E 131 -7.70 -0.60 -27.97
C ASP E 131 -7.07 -1.60 -26.98
N ILE E 132 -5.76 -1.49 -26.71
CA ILE E 132 -5.08 -2.34 -25.76
C ILE E 132 -5.68 -2.14 -24.37
N ASP E 133 -5.84 -0.87 -23.91
CA ASP E 133 -6.33 -0.67 -22.55
C ASP E 133 -7.81 -1.08 -22.46
N ALA E 134 -8.58 -0.96 -23.53
CA ALA E 134 -9.95 -1.49 -23.53
C ALA E 134 -10.00 -3.01 -23.34
N LYS E 135 -9.09 -3.75 -23.97
CA LYS E 135 -9.02 -5.20 -23.79
C LYS E 135 -8.56 -5.58 -22.39
N GLU E 136 -7.58 -4.84 -21.83
CA GLU E 136 -7.12 -5.09 -20.48
C GLU E 136 -8.25 -4.91 -19.47
N GLN E 137 -9.07 -3.87 -19.64
CA GLN E 137 -10.18 -3.58 -18.75
C GLN E 137 -11.24 -4.68 -18.78
N GLU E 138 -11.50 -5.24 -19.96
CA GLU E 138 -12.48 -6.31 -20.07
C GLU E 138 -12.06 -7.55 -19.28
N HIS E 139 -10.80 -7.97 -19.40
CA HIS E 139 -10.31 -9.13 -18.66
C HIS E 139 -10.27 -8.88 -17.15
N ASP E 140 -9.91 -7.67 -16.72
CA ASP E 140 -9.89 -7.35 -15.31
C ASP E 140 -11.29 -7.48 -14.71
N ASN E 141 -12.32 -7.06 -15.46
CA ASN E 141 -13.69 -7.13 -14.96
C ASN E 141 -14.14 -8.57 -14.73
N TYR E 142 -13.70 -9.54 -15.55
CA TYR E 142 -14.01 -10.94 -15.32
C TYR E 142 -13.33 -11.43 -14.04
N ALA E 143 -12.05 -11.13 -13.89
CA ALA E 143 -11.30 -11.56 -12.73
C ALA E 143 -11.93 -11.05 -11.43
N LYS E 144 -12.36 -9.78 -11.40
CA LYS E 144 -12.95 -9.20 -10.21
C LYS E 144 -14.20 -9.94 -9.72
N LEU E 145 -14.98 -10.55 -10.61
CA LEU E 145 -16.12 -11.34 -10.16
C LEU E 145 -15.65 -12.53 -9.32
N PHE E 146 -14.61 -13.24 -9.77
CA PHE E 146 -14.13 -14.39 -9.04
C PHE E 146 -13.43 -13.96 -7.75
N GLU E 147 -12.70 -12.85 -7.73
CA GLU E 147 -12.08 -12.42 -6.49
C GLU E 147 -13.12 -12.06 -5.44
N SER E 148 -14.25 -11.43 -5.83
CA SER E 148 -15.35 -11.11 -4.92
C SER E 148 -16.04 -12.36 -4.37
N ALA E 149 -16.28 -13.36 -5.21
CA ALA E 149 -16.79 -14.65 -4.74
C ALA E 149 -15.85 -15.31 -3.72
N GLY E 150 -14.55 -15.19 -3.89
CA GLY E 150 -13.58 -15.69 -2.94
C GLY E 150 -13.59 -14.94 -1.61
N SER E 151 -14.01 -13.67 -1.60
CA SER E 151 -14.14 -12.90 -0.37
C SER E 151 -15.43 -13.24 0.40
N TYR E 152 -16.53 -13.39 -0.34
CA TYR E 152 -17.82 -13.66 0.26
C TYR E 152 -17.90 -15.07 0.85
N ALA E 153 -17.26 -16.05 0.21
CA ALA E 153 -17.41 -17.42 0.65
C ALA E 153 -16.93 -17.64 2.09
N PRO E 154 -15.74 -17.18 2.50
CA PRO E 154 -15.33 -17.23 3.89
C PRO E 154 -16.27 -16.49 4.84
N THR E 155 -16.84 -15.35 4.44
CA THR E 155 -17.77 -14.67 5.36
C THR E 155 -19.04 -15.47 5.59
N MET E 156 -19.49 -16.23 4.60
CA MET E 156 -20.61 -17.12 4.83
C MET E 156 -20.21 -18.25 5.79
N GLY E 157 -18.96 -18.69 5.77
CA GLY E 157 -18.47 -19.57 6.82
C GLY E 157 -18.62 -19.02 8.23
N ILE E 158 -18.33 -17.73 8.44
CA ILE E 158 -18.51 -17.07 9.72
C ILE E 158 -19.97 -17.10 10.14
N ILE E 159 -20.89 -16.81 9.22
CA ILE E 159 -22.31 -16.89 9.49
C ILE E 159 -22.70 -18.30 9.91
N GLY E 160 -22.17 -19.32 9.21
CA GLY E 160 -22.38 -20.69 9.62
C GLY E 160 -21.96 -21.00 11.06
N THR E 161 -20.79 -20.49 11.50
CA THR E 161 -20.37 -20.67 12.88
C THR E 161 -21.32 -19.97 13.86
N VAL E 162 -21.79 -18.77 13.51
CA VAL E 162 -22.74 -18.06 14.35
C VAL E 162 -24.02 -18.87 14.52
N MET E 163 -24.51 -19.51 13.46
CA MET E 163 -25.72 -20.31 13.55
C MET E 163 -25.47 -21.53 14.46
N GLY E 164 -24.27 -22.13 14.35
CA GLY E 164 -23.89 -23.24 15.21
C GLY E 164 -23.83 -22.85 16.68
N LEU E 165 -23.22 -21.68 16.96
CA LEU E 165 -23.08 -21.20 18.32
C LEU E 165 -24.44 -20.86 18.94
N ILE E 166 -25.37 -20.32 18.14
CA ILE E 166 -26.69 -20.00 18.64
C ILE E 166 -27.41 -21.29 19.03
N GLN E 167 -27.31 -22.34 18.20
CA GLN E 167 -28.05 -23.55 18.47
C GLN E 167 -27.53 -24.21 19.76
N VAL E 168 -26.21 -24.24 19.95
CA VAL E 168 -25.64 -24.96 21.07
C VAL E 168 -25.87 -24.18 22.37
N LEU E 169 -25.87 -22.85 22.37
CA LEU E 169 -26.22 -22.10 23.57
C LEU E 169 -27.72 -22.23 23.87
N GLY E 170 -28.54 -22.29 22.82
CA GLY E 170 -29.98 -22.17 22.97
C GLY E 170 -30.64 -23.45 23.47
N HIS E 171 -30.27 -24.60 22.89
CA HIS E 171 -31.10 -25.80 22.97
C HIS E 171 -30.27 -27.06 23.22
N LEU E 172 -30.20 -27.50 24.48
CA LEU E 172 -29.75 -28.85 24.81
C LEU E 172 -30.73 -29.45 25.84
N THR E 173 -31.05 -30.72 25.62
CA THR E 173 -31.82 -31.52 26.58
C THR E 173 -31.10 -32.82 26.92
N ASP E 174 -30.17 -33.26 26.06
CA ASP E 174 -29.22 -34.31 26.36
C ASP E 174 -27.92 -33.99 25.61
N PRO E 175 -26.72 -34.35 26.13
CA PRO E 175 -25.46 -34.08 25.43
C PRO E 175 -25.26 -34.59 23.99
N SER E 176 -26.03 -35.61 23.59
CA SER E 176 -26.01 -36.11 22.21
C SER E 176 -26.33 -35.01 21.19
N GLN E 177 -27.23 -34.08 21.55
CA GLN E 177 -27.58 -32.96 20.68
C GLN E 177 -26.39 -32.04 20.40
N LEU E 178 -25.36 -32.09 21.26
CA LEU E 178 -24.18 -31.24 21.10
C LEU E 178 -23.55 -31.41 19.71
N GLY E 179 -23.18 -32.65 19.39
CA GLY E 179 -22.46 -32.95 18.15
C GLY E 179 -23.23 -32.58 16.90
N PRO E 180 -24.49 -33.05 16.74
CA PRO E 180 -25.34 -32.64 15.64
C PRO E 180 -25.59 -31.16 15.51
N SER E 181 -25.29 -30.33 16.51
CA SER E 181 -25.49 -28.89 16.43
C SER E 181 -24.21 -28.14 16.07
N ILE E 182 -23.11 -28.51 16.77
CA ILE E 182 -21.83 -27.88 16.52
C ILE E 182 -21.27 -28.31 15.16
N ALA E 183 -21.64 -29.49 14.64
CA ALA E 183 -21.40 -29.91 13.27
C ALA E 183 -21.61 -28.80 12.24
N VAL E 184 -22.68 -28.03 12.38
CA VAL E 184 -22.97 -26.95 11.44
C VAL E 184 -21.86 -25.92 11.46
N ALA E 185 -21.30 -25.62 12.64
CA ALA E 185 -20.21 -24.64 12.71
C ALA E 185 -19.00 -25.09 11.90
N PHE E 186 -18.58 -26.34 12.14
CA PHE E 186 -17.33 -26.81 11.55
C PHE E 186 -17.51 -27.03 10.05
N ILE E 187 -18.62 -27.63 9.66
CA ILE E 187 -18.78 -27.97 8.24
C ILE E 187 -18.99 -26.71 7.40
N ALA E 188 -19.68 -25.71 7.94
CA ALA E 188 -19.79 -24.45 7.21
C ALA E 188 -18.42 -23.77 7.08
N THR E 189 -17.56 -23.87 8.10
CA THR E 189 -16.22 -23.31 8.00
C THR E 189 -15.43 -23.99 6.89
N LEU E 190 -15.53 -25.32 6.81
CA LEU E 190 -14.78 -26.09 5.82
C LEU E 190 -15.19 -25.68 4.42
N TYR E 191 -16.50 -25.57 4.13
CA TYR E 191 -16.93 -25.18 2.79
C TYR E 191 -16.51 -23.75 2.45
N GLY E 192 -16.53 -22.85 3.43
CA GLY E 192 -16.13 -21.49 3.15
C GLY E 192 -14.66 -21.42 2.73
N VAL E 193 -13.76 -22.01 3.51
CA VAL E 193 -12.34 -21.88 3.23
C VAL E 193 -11.97 -22.71 2.02
N ALA E 194 -12.50 -23.93 1.91
CA ALA E 194 -12.11 -24.83 0.84
C ALA E 194 -12.61 -24.34 -0.51
N SER E 195 -13.86 -23.86 -0.59
CA SER E 195 -14.37 -23.39 -1.87
C SER E 195 -13.65 -22.13 -2.33
N ALA E 196 -13.43 -21.21 -1.41
CA ALA E 196 -12.74 -19.97 -1.73
C ALA E 196 -11.35 -20.27 -2.24
N ASN E 197 -10.57 -21.05 -1.48
CA ASN E 197 -9.16 -21.21 -1.72
C ASN E 197 -8.90 -22.10 -2.92
N LEU E 198 -9.56 -23.24 -3.09
CA LEU E 198 -9.31 -24.03 -4.30
C LEU E 198 -10.06 -23.52 -5.51
N ILE E 199 -11.37 -23.28 -5.46
CA ILE E 199 -12.10 -22.94 -6.69
C ILE E 199 -11.97 -21.47 -7.11
N PHE E 200 -12.31 -20.55 -6.21
CA PHE E 200 -12.51 -19.18 -6.63
C PHE E 200 -11.18 -18.45 -6.82
N LEU E 201 -10.24 -18.54 -5.88
CA LEU E 201 -9.09 -17.68 -6.04
C LEU E 201 -8.16 -18.23 -7.12
N PRO E 202 -7.95 -19.54 -7.28
CA PRO E 202 -7.30 -20.04 -8.49
C PRO E 202 -7.90 -19.64 -9.83
N ILE E 203 -9.22 -19.67 -9.99
CA ILE E 203 -9.77 -19.24 -11.26
C ILE E 203 -9.50 -17.75 -11.50
N ALA E 204 -9.57 -16.91 -10.48
CA ALA E 204 -9.17 -15.51 -10.61
C ALA E 204 -7.71 -15.37 -11.04
N SER E 205 -6.81 -16.09 -10.37
CA SER E 205 -5.38 -16.01 -10.64
C SER E 205 -5.04 -16.46 -12.06
N LYS E 206 -5.75 -17.47 -12.56
CA LYS E 206 -5.52 -17.97 -13.89
C LYS E 206 -6.05 -17.04 -14.96
N ILE E 207 -7.17 -16.36 -14.68
CA ILE E 207 -7.65 -15.32 -15.59
C ILE E 207 -6.61 -14.20 -15.73
N ARG E 208 -6.01 -13.77 -14.62
CA ARG E 208 -5.03 -12.72 -14.70
C ARG E 208 -3.75 -13.17 -15.41
N ALA E 209 -3.31 -14.41 -15.20
CA ALA E 209 -2.17 -14.92 -15.94
C ALA E 209 -2.41 -14.94 -17.46
N LYS E 210 -3.55 -15.48 -17.90
CA LYS E 210 -3.86 -15.57 -19.31
C LYS E 210 -4.10 -14.20 -19.94
N SER E 211 -4.68 -13.25 -19.20
CA SER E 211 -4.79 -11.89 -19.69
C SER E 211 -3.43 -11.28 -19.98
N ALA E 212 -2.45 -11.46 -19.08
CA ALA E 212 -1.13 -10.89 -19.28
C ALA E 212 -0.45 -11.44 -20.53
N GLU E 213 -0.64 -12.72 -20.86
CA GLU E 213 -0.09 -13.29 -22.07
C GLU E 213 -0.70 -12.63 -23.31
N GLU E 214 -2.02 -12.43 -23.31
CA GLU E 214 -2.69 -11.85 -24.48
C GLU E 214 -2.30 -10.39 -24.67
N ILE E 215 -2.16 -9.65 -23.58
CA ILE E 215 -1.74 -8.25 -23.67
C ILE E 215 -0.31 -8.15 -24.20
N LEU E 216 0.58 -9.06 -23.85
CA LEU E 216 1.94 -9.03 -24.39
C LEU E 216 1.92 -9.25 -25.90
N VAL E 217 1.04 -10.09 -26.42
CA VAL E 217 0.95 -10.26 -27.86
C VAL E 217 0.47 -8.97 -28.51
N MET E 218 -0.49 -8.25 -27.91
CA MET E 218 -0.92 -6.99 -28.47
C MET E 218 0.21 -5.96 -28.46
N GLU E 219 0.97 -5.87 -27.37
CA GLU E 219 2.06 -4.92 -27.27
C GLU E 219 3.13 -5.20 -28.32
N MET E 220 3.40 -6.48 -28.62
CA MET E 220 4.35 -6.82 -29.66
C MET E 220 3.88 -6.34 -31.02
N ILE E 221 2.58 -6.48 -31.31
CA ILE E 221 2.05 -6.07 -32.59
C ILE E 221 2.12 -4.56 -32.72
N LEU E 222 1.89 -3.81 -31.63
CA LEU E 222 2.02 -2.36 -31.64
C LEU E 222 3.45 -1.93 -31.97
N GLU E 223 4.45 -2.52 -31.32
CA GLU E 223 5.83 -2.16 -31.59
C GLU E 223 6.25 -2.55 -33.02
N GLY E 224 5.69 -3.64 -33.56
CA GLY E 224 5.87 -4.01 -34.96
C GLY E 224 5.34 -2.95 -35.93
N VAL E 225 4.12 -2.47 -35.73
CA VAL E 225 3.51 -1.47 -36.60
C VAL E 225 4.25 -0.14 -36.51
N LEU E 226 4.67 0.30 -35.32
CA LEU E 226 5.42 1.52 -35.21
C LEU E 226 6.80 1.37 -35.84
N SER E 227 7.44 0.19 -35.79
CA SER E 227 8.68 -0.04 -36.51
C SER E 227 8.52 0.06 -38.04
N VAL E 228 7.40 -0.44 -38.58
CA VAL E 228 7.07 -0.30 -40.00
C VAL E 228 6.86 1.17 -40.38
N GLN E 229 6.27 1.99 -39.50
CA GLN E 229 6.06 3.41 -39.78
C GLN E 229 7.39 4.16 -39.79
N ASN E 230 8.29 3.84 -38.84
CA ASN E 230 9.63 4.43 -38.78
C ASN E 230 10.49 3.97 -39.97
N GLY E 231 10.27 2.76 -40.48
CA GLY E 231 10.92 2.26 -41.68
C GLY E 231 12.17 1.46 -41.37
N ASP E 232 12.19 0.79 -40.21
CA ASP E 232 13.38 0.07 -39.74
C ASP E 232 13.67 -1.14 -40.63
N ASN E 233 14.95 -1.53 -40.68
CA ASN E 233 15.38 -2.66 -41.49
C ASN E 233 15.01 -3.97 -40.79
N ALA E 234 14.80 -5.02 -41.59
CA ALA E 234 14.13 -6.24 -41.16
C ALA E 234 14.86 -6.92 -39.99
N LEU E 235 16.21 -6.89 -39.97
CA LEU E 235 16.97 -7.56 -38.92
C LEU E 235 16.76 -6.88 -37.57
N LEU E 236 16.65 -5.55 -37.57
CA LEU E 236 16.43 -4.81 -36.33
C LEU E 236 15.01 -5.02 -35.81
N VAL E 237 14.02 -5.07 -36.72
CA VAL E 237 12.64 -5.39 -36.38
C VAL E 237 12.56 -6.77 -35.75
N ARG E 238 13.20 -7.77 -36.38
CA ARG E 238 13.29 -9.12 -35.87
C ARG E 238 13.80 -9.14 -34.43
N LYS E 239 14.84 -8.35 -34.12
CA LYS E 239 15.41 -8.34 -32.78
C LYS E 239 14.40 -7.79 -31.76
N LYS E 240 13.77 -6.64 -32.03
CA LYS E 240 12.86 -6.02 -31.09
C LYS E 240 11.65 -6.90 -30.77
N LEU E 241 11.01 -7.41 -31.82
CA LEU E 241 9.79 -8.19 -31.64
C LEU E 241 10.11 -9.50 -30.92
N ASN E 242 11.26 -10.09 -31.22
CA ASN E 242 11.69 -11.30 -30.57
C ASN E 242 11.83 -11.09 -29.06
N THR E 243 12.15 -9.89 -28.56
CA THR E 243 12.25 -9.69 -27.11
C THR E 243 10.93 -9.97 -26.40
N TYR E 244 9.79 -9.75 -27.07
CA TYR E 244 8.50 -9.97 -26.45
C TYR E 244 8.18 -11.45 -26.27
N ILE E 245 8.69 -12.33 -27.15
CA ILE E 245 8.40 -13.76 -27.10
C ILE E 245 9.34 -14.49 -26.13
N THR E 246 8.75 -15.37 -25.30
CA THR E 246 9.53 -16.38 -24.57
C THR E 246 8.72 -17.68 -24.39
N ASP F 22 -4.57 -2.77 6.93
CA ASP F 22 -5.98 -3.19 6.84
C ASP F 22 -6.59 -3.25 8.25
N ARG F 23 -7.34 -2.19 8.59
CA ARG F 23 -7.84 -2.03 9.94
C ARG F 23 -8.79 -3.16 10.33
N TRP F 24 -9.59 -3.67 9.40
CA TRP F 24 -10.56 -4.70 9.75
C TRP F 24 -9.86 -5.90 10.38
N MET F 25 -8.78 -6.38 9.77
CA MET F 25 -8.15 -7.58 10.28
C MET F 25 -7.64 -7.34 11.67
N ILE F 26 -7.03 -6.18 11.92
CA ILE F 26 -6.44 -5.98 13.23
C ILE F 26 -7.54 -5.76 14.26
N THR F 27 -8.79 -5.51 13.79
CA THR F 27 -9.93 -5.32 14.67
C THR F 27 -10.72 -6.62 14.82
N TYR F 28 -11.03 -7.28 13.72
CA TYR F 28 -11.74 -8.54 13.83
C TYR F 28 -10.90 -9.58 14.56
N ALA F 29 -9.58 -9.38 14.63
CA ALA F 29 -8.71 -10.17 15.48
C ALA F 29 -8.90 -9.82 16.95
N ASP F 30 -8.99 -8.53 17.26
CA ASP F 30 -9.19 -8.06 18.62
C ASP F 30 -10.56 -8.44 19.16
N LEU F 31 -11.60 -8.19 18.35
CA LEU F 31 -12.98 -8.46 18.73
C LEU F 31 -13.23 -9.94 18.97
N ILE F 32 -12.70 -10.83 18.12
CA ILE F 32 -12.85 -12.26 18.35
C ILE F 32 -12.11 -12.68 19.63
N THR F 33 -10.96 -12.09 19.91
CA THR F 33 -10.24 -12.45 21.11
C THR F 33 -11.10 -12.09 22.32
N LEU F 34 -11.84 -10.97 22.27
CA LEU F 34 -12.64 -10.54 23.42
C LEU F 34 -13.69 -11.59 23.74
N LEU F 35 -14.31 -12.15 22.71
CA LEU F 35 -15.34 -13.14 22.93
C LEU F 35 -14.81 -14.40 23.61
N LEU F 36 -13.62 -14.86 23.20
CA LEU F 36 -13.00 -16.01 23.83
C LEU F 36 -12.78 -15.73 25.31
N ILE F 37 -12.29 -14.52 25.65
CA ILE F 37 -12.03 -14.16 27.04
C ILE F 37 -13.34 -14.20 27.81
N PHE F 38 -14.43 -13.79 27.17
CA PHE F 38 -15.74 -13.82 27.80
C PHE F 38 -16.06 -15.25 28.23
N PHE F 39 -16.01 -16.20 27.28
CA PHE F 39 -16.47 -17.55 27.56
C PHE F 39 -15.50 -18.29 28.45
N VAL F 40 -14.19 -18.08 28.31
CA VAL F 40 -13.25 -18.63 29.25
C VAL F 40 -13.70 -18.24 30.64
N MET F 41 -14.21 -17.02 30.82
CA MET F 41 -14.71 -16.66 32.12
C MET F 41 -16.02 -17.39 32.41
N MET F 42 -16.94 -17.48 31.45
CA MET F 42 -18.23 -18.11 31.70
C MET F 42 -18.05 -19.58 32.10
N TYR F 43 -17.12 -20.30 31.47
CA TYR F 43 -16.88 -21.70 31.78
C TYR F 43 -16.40 -21.82 33.21
N ALA F 44 -15.38 -21.04 33.59
CA ALA F 44 -14.75 -21.15 34.90
C ALA F 44 -15.75 -20.88 36.02
N MET F 45 -16.59 -19.86 35.86
CA MET F 45 -17.59 -19.52 36.87
C MET F 45 -18.58 -20.67 37.06
N SER F 46 -18.93 -21.38 35.97
CA SER F 46 -19.90 -22.45 36.05
C SER F 46 -19.37 -23.66 36.81
N ARG F 47 -18.05 -23.72 37.04
CA ARG F 47 -17.46 -24.79 37.85
C ARG F 47 -17.40 -24.37 39.31
N LEU F 48 -18.08 -23.26 39.68
CA LEU F 48 -18.07 -22.74 41.03
C LEU F 48 -19.48 -22.76 41.63
N ASP F 49 -19.55 -22.79 42.96
CA ASP F 49 -20.81 -22.82 43.70
C ASP F 49 -21.43 -21.41 43.71
N ALA F 50 -22.68 -21.32 44.18
CA ALA F 50 -23.43 -20.07 44.22
C ALA F 50 -22.71 -19.03 45.09
N SER F 51 -22.10 -19.46 46.20
CA SER F 51 -21.50 -18.53 47.16
C SER F 51 -20.37 -17.74 46.50
N LYS F 52 -19.36 -18.45 45.99
CA LYS F 52 -18.21 -17.79 45.37
C LYS F 52 -18.64 -17.14 44.06
N TYR F 53 -19.66 -17.71 43.41
CA TYR F 53 -20.19 -17.13 42.19
C TYR F 53 -20.64 -15.70 42.48
N GLU F 54 -21.40 -15.52 43.57
CA GLU F 54 -21.96 -14.20 43.89
C GLU F 54 -20.84 -13.19 44.14
N GLU F 55 -19.78 -13.59 44.86
CA GLU F 55 -18.73 -12.64 45.20
C GLU F 55 -18.12 -12.07 43.91
N VAL F 56 -17.77 -12.96 42.97
CA VAL F 56 -17.24 -12.51 41.69
C VAL F 56 -18.35 -11.80 40.89
N THR F 57 -19.54 -12.40 40.78
CA THR F 57 -20.61 -11.83 39.97
C THR F 57 -20.96 -10.43 40.47
N SER F 58 -21.02 -10.25 41.79
CA SER F 58 -21.29 -8.94 42.36
C SER F 58 -20.08 -8.03 42.15
N SER F 59 -18.88 -8.50 42.56
CA SER F 59 -17.66 -7.69 42.47
C SER F 59 -17.59 -6.96 41.14
N LEU F 60 -17.68 -7.71 40.03
CA LEU F 60 -17.71 -7.13 38.69
C LEU F 60 -18.89 -6.17 38.54
N GLN F 61 -20.09 -6.66 38.92
CA GLN F 61 -21.32 -5.89 38.75
C GLN F 61 -21.20 -4.50 39.35
N THR F 62 -20.15 -4.25 40.15
CA THR F 62 -19.97 -2.95 40.78
C THR F 62 -19.28 -1.96 39.83
N THR F 63 -18.23 -2.39 39.12
CA THR F 63 -17.40 -1.50 38.31
C THR F 63 -18.13 -1.04 37.04
N PHE F 64 -18.92 -1.91 36.42
CA PHE F 64 -19.59 -1.61 35.16
C PHE F 64 -21.10 -1.44 35.33
N GLN F 65 -21.56 -1.04 36.52
CA GLN F 65 -22.93 -0.58 36.71
C GLN F 65 -22.99 0.28 37.97
N SER F 66 -23.93 1.23 37.98
CA SER F 66 -24.23 2.04 39.17
C SER F 66 -25.45 2.92 38.89
N PRO G 20 3.43 -9.69 2.67
CA PRO G 20 2.42 -8.87 3.39
C PRO G 20 2.83 -8.74 4.85
N HIS G 21 2.55 -7.60 5.45
CA HIS G 21 3.01 -7.39 6.81
C HIS G 21 2.13 -8.17 7.78
N ASP G 22 0.82 -7.96 7.62
CA ASP G 22 -0.20 -8.51 8.47
C ASP G 22 -0.69 -9.82 7.88
N ARG G 23 0.19 -10.81 7.78
CA ARG G 23 -0.21 -12.11 7.28
C ARG G 23 -0.42 -13.02 8.48
N TRP G 24 0.01 -12.58 9.67
CA TRP G 24 -0.12 -13.42 10.86
C TRP G 24 -1.57 -13.45 11.37
N MET G 25 -2.28 -12.36 11.21
CA MET G 25 -3.61 -12.22 11.75
C MET G 25 -4.59 -13.20 11.12
N ILE G 26 -4.36 -13.59 9.86
CA ILE G 26 -5.23 -14.53 9.17
C ILE G 26 -5.28 -15.86 9.93
N THR G 27 -4.10 -16.39 10.25
CA THR G 27 -4.00 -17.63 11.02
C THR G 27 -4.45 -17.46 12.47
N TYR G 28 -4.10 -16.35 13.10
CA TYR G 28 -4.47 -16.12 14.49
C TYR G 28 -5.98 -16.07 14.64
N ALA G 29 -6.71 -15.38 13.76
CA ALA G 29 -8.16 -15.35 13.83
C ALA G 29 -8.78 -16.72 13.61
N ASP G 30 -8.08 -17.61 12.89
CA ASP G 30 -8.56 -18.97 12.68
C ASP G 30 -8.38 -19.83 13.92
N LEU G 31 -7.19 -19.74 14.55
CA LEU G 31 -6.92 -20.47 15.78
C LEU G 31 -7.87 -20.01 16.90
N ILE G 32 -8.02 -18.69 17.10
CA ILE G 32 -8.89 -18.18 18.16
C ILE G 32 -10.30 -18.68 17.95
N THR G 33 -10.77 -18.64 16.72
CA THR G 33 -12.11 -19.05 16.46
C THR G 33 -12.28 -20.51 16.89
N LEU G 34 -11.32 -21.38 16.56
CA LEU G 34 -11.45 -22.78 16.96
C LEU G 34 -11.48 -22.91 18.48
N LEU G 35 -10.67 -22.11 19.17
CA LEU G 35 -10.65 -22.13 20.62
C LEU G 35 -11.99 -21.69 21.19
N LEU G 36 -12.58 -20.63 20.63
CA LEU G 36 -13.84 -20.10 21.12
C LEU G 36 -14.91 -21.19 21.06
N ILE G 37 -14.93 -21.94 19.96
CA ILE G 37 -15.95 -22.96 19.78
C ILE G 37 -15.80 -23.99 20.90
N PHE G 38 -14.56 -24.28 21.30
CA PHE G 38 -14.31 -25.27 22.33
C PHE G 38 -14.89 -24.83 23.67
N PHE G 39 -14.69 -23.58 24.09
CA PHE G 39 -15.21 -23.12 25.37
C PHE G 39 -16.74 -22.94 25.31
N VAL G 40 -17.25 -22.45 24.19
CA VAL G 40 -18.69 -22.27 24.07
C VAL G 40 -19.37 -23.64 24.05
N MET G 41 -18.63 -24.70 23.72
CA MET G 41 -19.16 -26.06 23.78
C MET G 41 -19.05 -26.60 25.20
N MET G 42 -17.95 -26.30 25.90
CA MET G 42 -17.80 -26.74 27.28
C MET G 42 -18.81 -26.01 28.16
N TYR G 43 -18.81 -24.66 28.16
CA TYR G 43 -19.79 -23.88 28.89
C TYR G 43 -21.17 -24.51 28.77
N ALA G 44 -21.57 -24.83 27.53
CA ALA G 44 -22.88 -25.39 27.25
C ALA G 44 -23.04 -26.75 27.95
N MET G 45 -21.98 -27.57 27.93
CA MET G 45 -22.00 -28.84 28.64
C MET G 45 -22.08 -28.64 30.15
N SER G 46 -21.42 -27.62 30.69
CA SER G 46 -21.41 -27.39 32.14
C SER G 46 -22.82 -27.07 32.65
N ARG G 47 -23.58 -26.24 31.93
CA ARG G 47 -24.97 -25.97 32.28
C ARG G 47 -25.82 -27.22 32.19
N LEU G 48 -25.56 -28.07 31.18
CA LEU G 48 -26.36 -29.26 30.95
C LEU G 48 -26.14 -30.30 32.05
N ASP G 49 -24.89 -30.46 32.49
CA ASP G 49 -24.51 -31.33 33.59
C ASP G 49 -25.12 -30.83 34.91
N ALA G 50 -25.04 -29.52 35.17
CA ALA G 50 -25.63 -28.90 36.35
C ALA G 50 -27.15 -29.09 36.41
N SER G 51 -27.84 -29.13 35.25
CA SER G 51 -29.26 -29.39 35.15
C SER G 51 -29.63 -30.84 35.51
N LYS G 52 -28.83 -31.83 35.07
CA LYS G 52 -29.09 -33.24 35.37
C LYS G 52 -28.67 -33.61 36.80
N TYR G 53 -27.65 -32.93 37.36
CA TYR G 53 -27.13 -33.19 38.69
C TYR G 53 -28.23 -33.02 39.75
#